data_8PE4
#
_entry.id   8PE4
#
_entity_poly.entity_id   1
_entity_poly.type   'polypeptide(L)'
_entity_poly.pdbx_seq_one_letter_code
;MLRFVTKNSQDKSSDLFSICSDRGTFVAHNRVRTDFKFDNLVFNRVYGVSQKFTLVGNPTVCFNEGSSYLEGIAKKYLTL
DGGLAIDNVLNELRSTCGIPGNAVASHAYNITSWRWYDNHVALLMNMLRAYHLQVLTEQGQYSAGDIPMYHDGHVKIKLP
VTIDDTAGPTQFAWPSDRSTDSYPDWAQFSESFPSIDVPYLDVRPLTVTEVNFVLMMMSKWHRRTNLAIDYEAPQLADKF
AYRHALTVQDADEWIEGDRTDDQFRPPSSKVMLSALRKYVNHNRLYNQFYTAAQLLAQIMMKPVPNCAEGYAWLMHDALV
NIPKFGSIRGRYPFLLSGDAALIQATALEDWSAIMAKPELVFTYAMQVSVALNTGLYLRRVKKTGFGTTIDDSYEDGAFL
QPETFVQAALACCTGQDAPLNGMSDVYVTYPDLLEFDAVTQVPITVIEPAGYNIVDDHLVVVGVPVACSPYMIFPVAAFD
TANPYCGNFVIKAANKYLRKGAVYDKLEAWKLAWALRVAGYDTHFKVYGDTHGLTKFYADNGDTWTHIPEFVTDGDVMEV
FVTAIERRARHFVELPRLNSPAFFRSVEVSTTIYDTHVQAGAHAVYHASRINLDYVKPVSTGIQVINAGELKNYWGSVRR
TQQGLGVVGLTMPAVMPTGEPTAGAAHEELIEQADNVLVE
;
_entity_poly.pdbx_strand_id   A,B
#
# COMPACT_ATOMS: atom_id res chain seq x y z
N MET A 1 -23.52 10.47 -15.27
CA MET A 1 -22.44 10.73 -16.21
C MET A 1 -22.80 11.89 -17.14
N LEU A 2 -24.08 12.23 -17.18
CA LEU A 2 -24.51 13.38 -17.98
C LEU A 2 -23.91 14.66 -17.44
N ARG A 3 -23.92 14.84 -16.11
CA ARG A 3 -23.35 16.05 -15.54
C ARG A 3 -21.86 16.15 -15.82
N PHE A 4 -21.15 15.02 -15.75
CA PHE A 4 -19.71 15.04 -15.98
C PHE A 4 -19.39 15.50 -17.40
N VAL A 5 -20.05 14.89 -18.39
CA VAL A 5 -19.78 15.23 -19.79
C VAL A 5 -20.21 16.66 -20.09
N THR A 6 -21.38 17.05 -19.59
CA THR A 6 -21.89 18.39 -19.85
C THR A 6 -21.19 19.47 -19.03
N LYS A 7 -20.38 19.09 -18.04
CA LYS A 7 -19.61 20.04 -17.26
C LYS A 7 -18.13 20.09 -17.64
N ASN A 8 -17.65 19.14 -18.45
CA ASN A 8 -16.26 19.21 -18.90
C ASN A 8 -15.98 20.51 -19.64
N SER A 9 -16.93 20.99 -20.45
CA SER A 9 -16.73 22.22 -21.20
C SER A 9 -17.66 23.35 -20.73
N GLN A 10 -18.97 23.15 -20.81
CA GLN A 10 -19.96 24.12 -20.36
C GLN A 10 -21.33 23.50 -20.49
N ASP A 11 -22.27 24.02 -19.69
CA ASP A 11 -23.64 23.50 -19.69
C ASP A 11 -24.33 23.70 -21.03
N LYS A 12 -23.85 24.63 -21.85
CA LYS A 12 -24.54 24.93 -23.11
C LYS A 12 -24.07 24.03 -24.25
N SER A 13 -22.80 23.63 -24.23
CA SER A 13 -22.22 22.87 -25.34
C SER A 13 -22.91 21.52 -25.53
N SER A 14 -22.73 20.63 -24.56
CA SER A 14 -23.33 19.29 -24.58
C SER A 14 -23.10 18.61 -25.92
N ASP A 15 -21.83 18.37 -26.23
CA ASP A 15 -21.43 17.83 -27.52
C ASP A 15 -21.28 16.31 -27.41
N LEU A 16 -21.94 15.59 -28.32
CA LEU A 16 -21.95 14.14 -28.36
C LEU A 16 -21.40 13.64 -29.69
N PHE A 17 -20.86 12.43 -29.68
CA PHE A 17 -20.32 11.83 -30.88
C PHE A 17 -20.74 10.38 -31.01
N SER A 18 -20.91 9.93 -32.24
CA SER A 18 -21.33 8.57 -32.51
C SER A 18 -20.14 7.63 -32.58
N ILE A 19 -20.42 6.33 -32.55
CA ILE A 19 -19.38 5.31 -32.60
C ILE A 19 -18.92 5.14 -34.04
N CYS A 20 -17.61 5.02 -34.23
CA CYS A 20 -17.04 4.76 -35.54
C CYS A 20 -15.73 4.02 -35.35
N SER A 21 -15.45 3.09 -36.26
CA SER A 21 -14.22 2.31 -36.20
C SER A 21 -13.65 2.16 -37.60
N ASP A 22 -12.34 1.97 -37.66
CA ASP A 22 -11.64 1.73 -38.92
C ASP A 22 -10.60 0.66 -38.60
N ARG A 23 -10.98 -0.61 -38.80
CA ARG A 23 -10.16 -1.74 -38.38
C ARG A 23 -9.88 -1.69 -36.88
N GLY A 24 -10.89 -1.26 -36.11
CA GLY A 24 -10.80 -1.24 -34.67
C GLY A 24 -10.30 0.06 -34.07
N THR A 25 -9.86 1.01 -34.88
CA THR A 25 -9.34 2.28 -34.37
C THR A 25 -10.04 3.42 -35.09
N PHE A 26 -10.08 4.57 -34.41
CA PHE A 26 -10.62 5.78 -35.01
C PHE A 26 -9.84 6.97 -34.48
N VAL A 27 -9.93 8.08 -35.19
CA VAL A 27 -9.17 9.29 -34.88
C VAL A 27 -10.14 10.44 -34.68
N ALA A 28 -9.94 11.19 -33.59
CA ALA A 28 -10.74 12.37 -33.28
C ALA A 28 -9.91 13.61 -33.57
N HIS A 29 -10.32 14.35 -34.60
CA HIS A 29 -9.57 15.56 -35.02
C HIS A 29 -10.14 16.81 -34.38
N ASN A 30 -9.28 17.79 -34.17
CA ASN A 30 -9.67 19.07 -33.60
C ASN A 30 -9.01 20.19 -34.40
N ARG A 31 -9.48 21.41 -34.16
CA ARG A 31 -8.90 22.60 -34.77
C ARG A 31 -8.83 23.68 -33.70
N VAL A 32 -7.61 24.07 -33.33
CA VAL A 32 -7.36 24.87 -32.14
C VAL A 32 -6.48 26.05 -32.51
N ARG A 33 -6.83 27.22 -31.97
CA ARG A 33 -6.08 28.45 -32.19
C ARG A 33 -5.36 28.86 -30.91
N THR A 34 -4.06 29.12 -31.02
CA THR A 34 -3.23 29.50 -29.88
C THR A 34 -2.80 30.95 -30.06
N ASP A 35 -2.97 31.75 -29.01
CA ASP A 35 -2.61 33.16 -29.03
C ASP A 35 -1.21 33.38 -28.44
N PHE A 36 -0.63 34.53 -28.76
CA PHE A 36 0.64 34.96 -28.20
C PHE A 36 0.59 36.48 -28.09
N LYS A 37 0.15 36.99 -26.94
CA LYS A 37 0.02 38.42 -26.74
C LYS A 37 1.15 38.91 -25.83
N PHE A 38 1.90 39.89 -26.32
CA PHE A 38 2.99 40.50 -25.59
C PHE A 38 3.23 41.89 -26.15
N ASP A 39 3.41 42.88 -25.27
CA ASP A 39 3.61 44.26 -25.67
C ASP A 39 2.45 44.78 -26.51
N ASN A 40 1.23 44.30 -26.19
CA ASN A 40 0.02 44.66 -26.94
C ASN A 40 0.12 44.28 -28.41
N LEU A 41 0.85 43.20 -28.70
CA LEU A 41 0.98 42.65 -30.05
C LEU A 41 0.44 41.23 -30.01
N VAL A 42 -0.85 41.08 -30.34
CA VAL A 42 -1.48 39.77 -30.29
C VAL A 42 -1.13 39.00 -31.55
N PHE A 43 -0.51 37.84 -31.37
CA PHE A 43 -0.20 36.93 -32.46
C PHE A 43 -0.97 35.65 -32.23
N ASN A 44 -1.27 34.93 -33.31
CA ASN A 44 -1.97 33.66 -33.16
C ASN A 44 -1.50 32.69 -34.22
N ARG A 45 -1.77 31.41 -33.98
CA ARG A 45 -1.45 30.35 -34.93
C ARG A 45 -2.52 29.28 -34.83
N VAL A 46 -3.19 29.02 -35.95
CA VAL A 46 -4.26 28.03 -36.01
C VAL A 46 -3.70 26.74 -36.58
N TYR A 47 -3.96 25.62 -35.92
CA TYR A 47 -3.43 24.34 -36.33
C TYR A 47 -4.39 23.24 -35.91
N GLY A 48 -4.30 22.10 -36.60
CA GLY A 48 -5.14 20.96 -36.31
C GLY A 48 -4.37 19.92 -35.50
N VAL A 49 -5.05 19.39 -34.48
CA VAL A 49 -4.49 18.34 -33.63
C VAL A 49 -5.37 17.10 -33.77
N SER A 50 -4.73 15.93 -33.82
CA SER A 50 -5.41 14.67 -34.01
C SER A 50 -5.00 13.71 -32.91
N GLN A 51 -5.99 13.16 -32.20
CA GLN A 51 -5.76 12.14 -31.18
C GLN A 51 -6.59 10.91 -31.56
N LYS A 52 -5.92 9.87 -32.01
CA LYS A 52 -6.62 8.65 -32.42
C LYS A 52 -6.82 7.73 -31.23
N PHE A 53 -7.87 6.91 -31.32
CA PHE A 53 -8.26 6.00 -30.26
C PHE A 53 -8.38 4.60 -30.83
N THR A 54 -8.26 3.60 -29.95
CA THR A 54 -8.40 2.20 -30.35
C THR A 54 -9.43 1.52 -29.46
N LEU A 55 -10.28 0.70 -30.08
CA LEU A 55 -11.28 -0.09 -29.38
C LEU A 55 -10.80 -1.49 -29.08
N VAL A 56 -9.56 -1.83 -29.43
CA VAL A 56 -9.01 -3.16 -29.22
C VAL A 56 -8.52 -3.28 -27.79
N GLY A 57 -8.97 -4.34 -27.11
CA GLY A 57 -8.52 -4.59 -25.76
C GLY A 57 -8.90 -5.98 -25.34
N ASN A 58 -8.20 -6.48 -24.31
CA ASN A 58 -8.43 -7.82 -23.76
C ASN A 58 -8.60 -7.73 -22.26
N PRO A 59 -9.70 -7.15 -21.80
CA PRO A 59 -9.91 -7.01 -20.35
C PRO A 59 -10.18 -8.36 -19.72
N THR A 60 -9.84 -8.46 -18.43
CA THR A 60 -10.13 -9.65 -17.64
C THR A 60 -11.39 -9.39 -16.83
N VAL A 61 -12.37 -10.29 -16.96
CA VAL A 61 -13.68 -10.13 -16.34
C VAL A 61 -13.90 -11.30 -15.40
N CYS A 62 -14.29 -10.99 -14.16
CA CYS A 62 -14.59 -11.98 -13.14
C CYS A 62 -16.06 -11.83 -12.74
N PHE A 63 -16.78 -12.94 -12.74
CA PHE A 63 -18.22 -12.93 -12.50
C PHE A 63 -18.47 -13.45 -11.10
N ASN A 64 -18.44 -12.53 -10.13
CA ASN A 64 -18.55 -12.88 -8.72
C ASN A 64 -19.77 -12.19 -8.13
N GLU A 65 -20.62 -12.96 -7.45
CA GLU A 65 -21.88 -12.42 -6.95
C GLU A 65 -21.64 -11.38 -5.86
N GLY A 66 -22.59 -10.46 -5.75
CA GLY A 66 -22.49 -9.39 -4.77
C GLY A 66 -23.79 -9.13 -4.04
N SER A 67 -24.02 -7.88 -3.68
CA SER A 67 -25.23 -7.52 -2.94
C SER A 67 -26.45 -7.60 -3.84
N SER A 68 -27.61 -7.72 -3.20
CA SER A 68 -28.89 -7.77 -3.89
C SER A 68 -29.57 -6.41 -3.76
N TYR A 69 -29.93 -5.83 -4.89
CA TYR A 69 -30.52 -4.49 -4.95
C TYR A 69 -31.96 -4.57 -5.43
N LEU A 70 -32.86 -3.97 -4.67
CA LEU A 70 -34.29 -4.05 -4.90
C LEU A 70 -34.90 -2.67 -5.05
N GLU A 71 -34.16 -1.74 -5.66
CA GLU A 71 -34.63 -0.36 -5.80
C GLU A 71 -35.42 -0.17 -7.10
N GLY A 72 -36.39 -1.05 -7.35
CA GLY A 72 -37.30 -0.84 -8.46
C GLY A 72 -38.70 -1.34 -8.16
N ILE A 73 -38.89 -1.88 -6.96
CA ILE A 73 -40.17 -2.45 -6.56
C ILE A 73 -41.03 -1.35 -5.96
N ALA A 74 -42.33 -1.63 -5.79
CA ALA A 74 -43.23 -0.66 -5.22
C ALA A 74 -42.86 -0.33 -3.77
N LYS A 75 -43.41 0.77 -3.27
CA LYS A 75 -43.08 1.21 -1.92
C LYS A 75 -43.52 0.18 -0.88
N LYS A 76 -44.72 -0.36 -1.03
CA LYS A 76 -45.24 -1.29 -0.03
C LYS A 76 -44.48 -2.62 -0.01
N TYR A 77 -43.73 -2.93 -1.06
CA TYR A 77 -42.94 -4.15 -1.10
C TYR A 77 -41.51 -3.96 -0.60
N LEU A 78 -41.19 -2.78 -0.09
CA LEU A 78 -39.87 -2.46 0.44
C LEU A 78 -39.97 -1.97 1.87
N THR A 79 -38.95 -2.27 2.66
CA THR A 79 -38.84 -1.76 4.01
C THR A 79 -38.16 -0.39 3.98
N LEU A 80 -37.73 0.11 5.14
CA LEU A 80 -37.04 1.39 5.21
C LEU A 80 -35.70 1.36 4.49
N ASP A 81 -35.15 0.18 4.25
CA ASP A 81 -33.92 0.02 3.48
C ASP A 81 -34.23 -0.83 2.25
N GLY A 82 -33.16 -1.22 1.54
CA GLY A 82 -33.31 -1.97 0.30
C GLY A 82 -34.00 -3.31 0.45
N GLY A 83 -34.02 -3.86 1.65
CA GLY A 83 -34.69 -5.12 1.90
C GLY A 83 -36.17 -5.07 1.57
N LEU A 84 -36.70 -6.15 0.99
CA LEU A 84 -38.10 -6.19 0.63
C LEU A 84 -38.98 -6.32 1.88
N ALA A 85 -40.23 -5.90 1.74
CA ALA A 85 -41.21 -5.99 2.83
C ALA A 85 -41.90 -7.33 2.68
N ILE A 86 -41.32 -8.36 3.31
CA ILE A 86 -41.81 -9.71 3.13
C ILE A 86 -43.21 -9.87 3.70
N ASP A 87 -43.49 -9.19 4.82
CA ASP A 87 -44.82 -9.26 5.41
C ASP A 87 -45.88 -8.70 4.47
N ASN A 88 -45.58 -7.59 3.81
CA ASN A 88 -46.52 -7.03 2.83
C ASN A 88 -46.73 -7.99 1.67
N VAL A 89 -45.66 -8.62 1.18
CA VAL A 89 -45.79 -9.56 0.09
C VAL A 89 -46.71 -10.71 0.48
N LEU A 90 -46.49 -11.29 1.66
CA LEU A 90 -47.29 -12.43 2.07
C LEU A 90 -48.74 -12.04 2.35
N ASN A 91 -48.96 -10.85 2.91
CA ASN A 91 -50.37 -10.41 3.10
C ASN A 91 -50.92 -9.95 1.76
N GLU A 92 -50.58 -10.66 0.70
CA GLU A 92 -51.04 -10.29 -0.67
C GLU A 92 -51.08 -11.55 -1.54
N LEU A 93 -50.14 -12.47 -1.33
CA LEU A 93 -50.06 -13.69 -2.19
C LEU A 93 -50.86 -13.48 -3.48
N ALA A 105 -50.44 -20.94 3.01
CA ALA A 105 -49.90 -21.47 1.73
C ALA A 105 -48.57 -22.16 1.99
N SER A 106 -48.13 -23.02 1.08
CA SER A 106 -46.79 -23.64 1.22
C SER A 106 -45.73 -22.54 1.04
N HIS A 107 -45.93 -21.66 0.06
CA HIS A 107 -44.96 -20.57 -0.21
C HIS A 107 -44.58 -19.87 1.09
N ALA A 108 -45.56 -19.60 1.96
CA ALA A 108 -45.26 -18.97 3.27
C ALA A 108 -44.14 -19.73 3.97
N TYR A 109 -44.21 -21.07 3.95
CA TYR A 109 -43.15 -21.90 4.58
C TYR A 109 -41.93 -21.97 3.66
N ASN A 110 -42.18 -21.96 2.34
CA ASN A 110 -41.06 -22.03 1.36
C ASN A 110 -40.20 -20.78 1.53
N ILE A 111 -40.81 -19.60 1.54
CA ILE A 111 -40.07 -18.31 1.64
C ILE A 111 -38.89 -18.38 2.63
N THR A 112 -39.06 -19.06 3.77
CA THR A 112 -37.96 -19.21 4.77
C THR A 112 -36.69 -19.71 4.09
N SER A 113 -36.79 -20.17 2.85
CA SER A 113 -35.65 -20.70 2.10
C SER A 113 -35.59 -20.10 0.70
N TRP A 114 -35.90 -18.81 0.57
CA TRP A 114 -35.85 -18.11 -0.70
C TRP A 114 -35.06 -16.81 -0.50
N ARG A 115 -33.74 -16.87 -0.71
CA ARG A 115 -32.95 -15.65 -0.75
C ARG A 115 -33.32 -14.84 -1.99
N TRP A 116 -33.39 -13.53 -1.83
CA TRP A 116 -33.81 -12.64 -2.91
C TRP A 116 -32.57 -11.95 -3.46
N TYR A 117 -31.90 -12.61 -4.40
CA TYR A 117 -30.74 -12.06 -5.10
C TYR A 117 -31.21 -11.56 -6.46
N ASP A 118 -31.53 -10.28 -6.53
CA ASP A 118 -31.98 -9.66 -7.78
C ASP A 118 -30.93 -8.64 -8.21
N ASN A 119 -30.23 -8.94 -9.30
CA ASN A 119 -29.19 -8.05 -9.81
C ASN A 119 -28.98 -8.43 -11.27
N HIS A 120 -29.42 -7.58 -12.18
CA HIS A 120 -29.39 -7.88 -13.61
C HIS A 120 -28.30 -7.11 -14.36
N VAL A 121 -27.25 -6.68 -13.65
CA VAL A 121 -26.24 -5.81 -14.26
C VAL A 121 -25.52 -6.53 -15.38
N ALA A 122 -25.21 -7.82 -15.18
CA ALA A 122 -24.55 -8.58 -16.24
C ALA A 122 -25.39 -8.64 -17.50
N LEU A 123 -26.70 -8.85 -17.34
CA LEU A 123 -27.60 -8.88 -18.49
C LEU A 123 -27.60 -7.56 -19.24
N LEU A 124 -27.72 -6.46 -18.51
CA LEU A 124 -27.77 -5.15 -19.14
C LEU A 124 -26.46 -4.83 -19.86
N MET A 125 -25.34 -5.20 -19.25
CA MET A 125 -24.05 -4.99 -19.89
C MET A 125 -23.93 -5.82 -21.16
N ASN A 126 -24.41 -7.07 -21.11
CA ASN A 126 -24.40 -7.92 -22.29
C ASN A 126 -25.21 -7.33 -23.43
N MET A 127 -26.41 -6.83 -23.11
CA MET A 127 -27.22 -6.19 -24.14
C MET A 127 -26.56 -4.93 -24.67
N LEU A 128 -25.90 -4.17 -23.80
CA LEU A 128 -25.21 -2.96 -24.26
C LEU A 128 -24.11 -3.30 -25.26
N ARG A 129 -23.27 -4.27 -24.92
CA ARG A 129 -22.18 -4.63 -25.83
C ARG A 129 -22.71 -5.23 -27.12
N ALA A 130 -23.76 -6.06 -27.04
CA ALA A 130 -24.35 -6.60 -28.25
C ALA A 130 -24.93 -5.51 -29.13
N TYR A 131 -25.61 -4.54 -28.53
CA TYR A 131 -26.16 -3.42 -29.32
C TYR A 131 -25.06 -2.63 -30.00
N HIS A 132 -23.98 -2.36 -29.28
CA HIS A 132 -22.87 -1.60 -29.88
C HIS A 132 -22.23 -2.38 -31.01
N LEU A 133 -22.07 -3.70 -30.83
CA LEU A 133 -21.52 -4.52 -31.90
C LEU A 133 -22.42 -4.52 -33.12
N GLN A 134 -23.75 -4.58 -32.91
CA GLN A 134 -24.66 -4.57 -34.04
C GLN A 134 -24.67 -3.21 -34.74
N VAL A 135 -24.60 -2.12 -33.98
CA VAL A 135 -24.45 -0.80 -34.60
C VAL A 135 -23.18 -0.76 -35.43
N LEU A 136 -22.10 -1.32 -34.90
CA LEU A 136 -20.83 -1.29 -35.61
C LEU A 136 -20.89 -2.11 -36.89
N THR A 137 -21.58 -3.25 -36.87
CA THR A 137 -21.64 -4.07 -38.08
C THR A 137 -22.62 -3.51 -39.11
N GLU A 138 -23.70 -2.87 -38.66
CA GLU A 138 -24.59 -2.22 -39.62
C GLU A 138 -23.96 -0.95 -40.17
N GLN A 139 -23.02 -0.35 -39.44
CA GLN A 139 -22.20 0.73 -39.98
C GLN A 139 -21.24 0.20 -41.04
N GLY A 140 -21.06 -1.11 -41.11
CA GLY A 140 -20.27 -1.73 -42.16
C GLY A 140 -18.79 -1.81 -41.89
N GLN A 141 -18.35 -1.53 -40.66
CA GLN A 141 -16.93 -1.54 -40.34
C GLN A 141 -16.60 -2.48 -39.19
N TYR A 142 -17.51 -3.35 -38.77
CA TYR A 142 -17.20 -4.31 -37.73
C TYR A 142 -16.20 -5.34 -38.25
N SER A 143 -15.22 -5.66 -37.42
CA SER A 143 -14.15 -6.58 -37.80
C SER A 143 -13.51 -7.11 -36.52
N ALA A 144 -12.44 -7.88 -36.68
CA ALA A 144 -11.73 -8.39 -35.51
C ALA A 144 -11.07 -7.26 -34.74
N GLY A 145 -10.60 -6.23 -35.43
CA GLY A 145 -9.94 -5.12 -34.77
C GLY A 145 -8.46 -5.36 -34.61
N ASP A 146 -7.64 -4.42 -35.07
CA ASP A 146 -6.19 -4.55 -35.00
C ASP A 146 -5.59 -3.29 -34.41
N ILE A 147 -4.51 -3.47 -33.65
CA ILE A 147 -3.81 -2.34 -33.02
C ILE A 147 -3.05 -1.59 -34.11
N PRO A 148 -2.92 -0.26 -33.99
CA PRO A 148 -2.12 0.47 -34.98
C PRO A 148 -0.65 0.10 -34.90
N MET A 149 0.01 0.18 -36.06
CA MET A 149 1.44 -0.08 -36.18
C MET A 149 2.15 1.26 -36.23
N TYR A 150 2.83 1.61 -35.14
CA TYR A 150 3.47 2.91 -34.99
C TYR A 150 4.96 2.79 -35.31
N HIS A 151 5.46 3.76 -36.07
CA HIS A 151 6.84 3.70 -36.54
C HIS A 151 7.34 5.14 -36.63
N ASP A 152 8.49 5.42 -36.01
CA ASP A 152 8.98 6.79 -35.83
C ASP A 152 10.35 7.01 -36.47
N GLY A 153 10.69 6.23 -37.48
CA GLY A 153 11.97 6.37 -38.12
C GLY A 153 13.11 5.72 -37.36
N HIS A 154 12.98 5.67 -36.03
CA HIS A 154 13.98 5.04 -35.18
C HIS A 154 13.52 3.72 -34.59
N VAL A 155 12.22 3.54 -34.39
CA VAL A 155 11.71 2.37 -33.67
C VAL A 155 10.43 1.89 -34.34
N LYS A 156 10.33 0.57 -34.52
CA LYS A 156 9.15 -0.06 -35.09
C LYS A 156 8.51 -0.95 -34.04
N ILE A 157 7.22 -0.75 -33.80
CA ILE A 157 6.47 -1.51 -32.80
C ILE A 157 5.15 -1.97 -33.39
N LYS A 158 4.70 -3.15 -32.97
CA LYS A 158 3.41 -3.67 -33.40
C LYS A 158 2.96 -4.69 -32.36
N LEU A 159 2.01 -4.29 -31.52
CA LEU A 159 1.53 -5.18 -30.47
C LEU A 159 0.69 -6.31 -31.07
N PRO A 160 0.90 -7.54 -30.61
CA PRO A 160 0.11 -8.65 -31.14
C PRO A 160 -1.34 -8.60 -30.68
N VAL A 161 -2.22 -9.22 -31.47
CA VAL A 161 -3.62 -9.38 -31.15
C VAL A 161 -4.02 -10.82 -31.43
N THR A 162 -4.92 -11.37 -30.62
CA THR A 162 -5.27 -12.79 -30.71
C THR A 162 -5.93 -13.11 -32.05
N ILE A 163 -6.99 -12.38 -32.40
CA ILE A 163 -7.78 -12.66 -33.59
C ILE A 163 -7.22 -11.86 -34.76
N ASP A 164 -6.97 -12.54 -35.87
CA ASP A 164 -6.49 -11.88 -37.08
C ASP A 164 -7.64 -11.13 -37.74
N ASP A 165 -7.37 -9.90 -38.16
CA ASP A 165 -8.43 -9.06 -38.73
C ASP A 165 -8.94 -9.63 -40.05
N THR A 166 -8.05 -10.07 -40.93
CA THR A 166 -8.46 -10.47 -42.27
C THR A 166 -9.38 -11.69 -42.23
N ALA A 167 -8.99 -12.72 -41.48
CA ALA A 167 -9.84 -13.89 -41.33
C ALA A 167 -10.96 -13.69 -40.33
N GLY A 168 -10.90 -12.62 -39.54
CA GLY A 168 -11.92 -12.34 -38.55
C GLY A 168 -13.27 -12.06 -39.19
N PRO A 169 -14.34 -12.33 -38.46
CA PRO A 169 -15.68 -12.16 -39.03
C PRO A 169 -15.98 -10.70 -39.29
N THR A 170 -16.72 -10.45 -40.37
CA THR A 170 -17.15 -9.12 -40.74
C THR A 170 -18.58 -8.83 -40.33
N GLN A 171 -19.37 -9.86 -40.05
CA GLN A 171 -20.73 -9.72 -39.57
C GLN A 171 -20.83 -10.19 -38.13
N PHE A 172 -21.67 -9.52 -37.36
CA PHE A 172 -21.88 -9.88 -35.96
C PHE A 172 -22.61 -11.21 -35.90
N ALA A 173 -21.88 -12.28 -35.61
CA ALA A 173 -22.51 -13.57 -35.36
C ALA A 173 -23.05 -13.62 -33.93
N TRP A 174 -23.93 -14.57 -33.67
CA TRP A 174 -24.41 -14.73 -32.31
C TRP A 174 -23.25 -15.17 -31.42
N PRO A 175 -23.19 -14.70 -30.17
CA PRO A 175 -22.02 -15.00 -29.33
C PRO A 175 -21.78 -16.47 -29.10
N SER A 176 -22.83 -17.28 -29.02
CA SER A 176 -22.69 -18.70 -28.74
C SER A 176 -22.41 -19.46 -30.04
N ASP A 177 -22.44 -20.79 -29.95
CA ASP A 177 -22.10 -21.63 -31.13
C ASP A 177 -23.34 -22.41 -31.58
N ARG A 178 -23.16 -23.35 -32.50
CA ARG A 178 -24.31 -24.19 -32.94
C ARG A 178 -24.45 -25.36 -31.96
N SER A 179 -25.21 -25.15 -30.89
CA SER A 179 -25.45 -26.19 -29.90
C SER A 179 -24.19 -26.92 -29.47
N THR A 180 -23.02 -26.41 -29.84
CA THR A 180 -21.77 -27.03 -29.43
C THR A 180 -21.56 -26.90 -27.92
N ASP A 181 -22.06 -25.81 -27.33
CA ASP A 181 -22.06 -25.62 -25.90
C ASP A 181 -23.49 -25.73 -25.38
N SER A 182 -23.61 -26.02 -24.09
CA SER A 182 -24.91 -26.11 -23.47
C SER A 182 -25.54 -24.73 -23.35
N TYR A 183 -26.86 -24.71 -23.27
CA TYR A 183 -27.63 -23.48 -23.17
C TYR A 183 -28.51 -23.51 -21.93
N PRO A 184 -28.92 -22.35 -21.41
CA PRO A 184 -29.81 -22.34 -20.24
C PRO A 184 -31.12 -23.02 -20.55
N ASP A 185 -31.69 -23.66 -19.52
CA ASP A 185 -32.99 -24.31 -19.64
C ASP A 185 -34.04 -23.25 -19.29
N TRP A 186 -34.48 -22.53 -20.32
CA TRP A 186 -35.50 -21.51 -20.14
C TRP A 186 -36.88 -22.17 -20.07
N ALA A 187 -37.86 -21.39 -19.60
CA ALA A 187 -39.21 -21.89 -19.45
C ALA A 187 -40.18 -20.72 -19.55
N GLN A 188 -41.45 -21.05 -19.75
CA GLN A 188 -42.52 -20.07 -19.85
C GLN A 188 -43.32 -20.05 -18.55
N PHE A 189 -43.54 -18.86 -18.01
CA PHE A 189 -44.19 -18.69 -16.72
C PHE A 189 -45.37 -17.74 -16.88
N SER A 190 -46.54 -18.14 -16.37
CA SER A 190 -47.73 -17.30 -16.39
C SER A 190 -48.53 -17.33 -15.11
N GLU A 191 -48.21 -18.20 -14.15
CA GLU A 191 -48.97 -18.35 -12.93
C GLU A 191 -48.57 -17.26 -11.94
N SER A 192 -49.05 -17.38 -10.70
CA SER A 192 -48.65 -16.48 -9.62
C SER A 192 -47.76 -17.17 -8.60
N PHE A 193 -47.29 -18.38 -8.88
CA PHE A 193 -46.55 -19.17 -7.91
C PHE A 193 -45.15 -19.48 -8.41
N PRO A 194 -44.10 -18.89 -7.85
CA PRO A 194 -42.74 -19.31 -8.21
C PRO A 194 -42.45 -20.72 -7.73
N SER A 195 -42.07 -21.59 -8.67
CA SER A 195 -41.92 -23.00 -8.37
C SER A 195 -40.53 -23.37 -7.87
N ILE A 196 -39.50 -22.70 -8.36
CA ILE A 196 -38.12 -22.96 -7.97
C ILE A 196 -37.48 -21.65 -7.56
N ASP A 197 -36.52 -21.72 -6.63
CA ASP A 197 -35.75 -20.55 -6.28
C ASP A 197 -34.91 -20.03 -7.43
N VAL A 198 -34.91 -20.72 -8.57
CA VAL A 198 -34.22 -20.23 -9.77
C VAL A 198 -34.84 -18.91 -10.20
N PRO A 199 -34.06 -17.94 -10.68
CA PRO A 199 -34.65 -16.65 -11.04
C PRO A 199 -35.58 -16.75 -12.23
N TYR A 200 -36.60 -15.89 -12.24
CA TYR A 200 -37.41 -15.68 -13.42
C TYR A 200 -37.46 -14.20 -13.77
N LEU A 201 -37.63 -13.93 -15.06
CA LEU A 201 -37.69 -12.58 -15.59
C LEU A 201 -39.12 -12.25 -16.00
N ASP A 202 -39.41 -10.97 -16.12
CA ASP A 202 -40.71 -10.50 -16.57
C ASP A 202 -40.48 -9.68 -17.83
N VAL A 203 -40.89 -10.23 -18.97
CA VAL A 203 -40.61 -9.63 -20.28
C VAL A 203 -41.91 -9.41 -21.05
N ARG A 204 -43.00 -9.15 -20.32
CA ARG A 204 -44.31 -9.02 -20.96
C ARG A 204 -44.34 -7.95 -22.05
N PRO A 205 -43.88 -6.71 -21.82
CA PRO A 205 -43.98 -5.70 -22.88
C PRO A 205 -43.14 -6.01 -24.11
N LEU A 206 -42.15 -6.89 -23.99
CA LEU A 206 -41.29 -7.21 -25.13
C LEU A 206 -42.06 -7.97 -26.20
N THR A 207 -41.65 -7.78 -27.45
CA THR A 207 -42.20 -8.53 -28.56
C THR A 207 -41.52 -9.91 -28.63
N VAL A 208 -41.89 -10.68 -29.65
CA VAL A 208 -41.37 -12.04 -29.76
C VAL A 208 -39.87 -12.03 -30.05
N THR A 209 -39.46 -11.22 -31.02
CA THR A 209 -38.05 -11.20 -31.42
C THR A 209 -37.16 -10.64 -30.33
N GLU A 210 -37.64 -9.62 -29.61
CA GLU A 210 -36.87 -9.06 -28.50
C GLU A 210 -36.69 -10.09 -27.39
N VAL A 211 -37.76 -10.83 -27.07
CA VAL A 211 -37.66 -11.88 -26.07
C VAL A 211 -36.67 -12.95 -26.52
N ASN A 212 -36.74 -13.33 -27.80
CA ASN A 212 -35.82 -14.32 -28.34
C ASN A 212 -34.38 -13.87 -28.19
N PHE A 213 -34.08 -12.62 -28.56
CA PHE A 213 -32.72 -12.11 -28.43
C PHE A 213 -32.28 -12.12 -26.98
N VAL A 214 -33.14 -11.66 -26.07
CA VAL A 214 -32.77 -11.61 -24.66
C VAL A 214 -32.42 -13.00 -24.15
N LEU A 215 -33.32 -13.96 -24.37
CA LEU A 215 -33.10 -15.29 -23.81
C LEU A 215 -31.88 -15.95 -24.43
N MET A 216 -31.69 -15.81 -25.74
CA MET A 216 -30.60 -16.53 -26.37
C MET A 216 -29.26 -15.88 -26.06
N MET A 217 -29.23 -14.56 -25.84
CA MET A 217 -28.00 -13.91 -25.45
C MET A 217 -27.69 -14.14 -23.97
N MET A 218 -28.71 -14.49 -23.17
CA MET A 218 -28.43 -14.98 -21.81
C MET A 218 -27.44 -16.15 -21.83
N SER A 219 -27.49 -16.97 -22.87
CA SER A 219 -26.58 -18.09 -23.02
C SER A 219 -25.12 -17.61 -23.07
N LYS A 220 -24.21 -18.59 -23.05
CA LYS A 220 -22.79 -18.29 -22.96
C LYS A 220 -22.32 -17.45 -24.14
N TRP A 221 -21.45 -16.47 -23.84
CA TRP A 221 -20.88 -15.59 -24.83
C TRP A 221 -19.44 -16.01 -25.11
N HIS A 222 -19.06 -16.02 -26.39
CA HIS A 222 -17.72 -16.36 -26.81
C HIS A 222 -17.03 -15.13 -27.40
N ARG A 223 -15.77 -14.95 -27.05
CA ARG A 223 -14.99 -13.85 -27.61
C ARG A 223 -14.44 -14.26 -28.97
N ARG A 224 -14.82 -13.51 -30.01
CA ARG A 224 -14.38 -13.81 -31.36
C ARG A 224 -13.58 -12.69 -32.00
N THR A 225 -13.56 -11.49 -31.43
CA THR A 225 -12.79 -10.38 -31.97
C THR A 225 -11.92 -9.79 -30.86
N ASN A 226 -10.96 -8.97 -31.28
CA ASN A 226 -10.08 -8.28 -30.34
C ASN A 226 -10.75 -7.07 -29.70
N LEU A 227 -12.04 -6.87 -29.93
CA LEU A 227 -12.74 -5.72 -29.38
C LEU A 227 -12.85 -5.85 -27.87
N ALA A 228 -12.71 -4.72 -27.16
CA ALA A 228 -12.72 -4.75 -25.71
C ALA A 228 -14.09 -5.10 -25.16
N ILE A 229 -15.16 -4.78 -25.89
CA ILE A 229 -16.51 -5.06 -25.42
C ILE A 229 -16.93 -6.46 -25.85
N ASP A 230 -16.04 -7.18 -26.51
CA ASP A 230 -16.29 -8.54 -26.94
C ASP A 230 -15.62 -9.55 -26.01
N TYR A 231 -15.51 -9.21 -24.73
CA TYR A 231 -14.90 -10.09 -23.75
C TYR A 231 -15.73 -11.35 -23.53
N GLU A 232 -15.06 -12.42 -23.14
CA GLU A 232 -15.72 -13.71 -22.89
C GLU A 232 -16.56 -13.65 -21.63
N ALA A 233 -17.75 -14.25 -21.70
CA ALA A 233 -18.65 -14.31 -20.56
C ALA A 233 -19.43 -15.63 -20.60
N PRO A 234 -19.60 -16.29 -19.47
CA PRO A 234 -20.35 -17.55 -19.43
C PRO A 234 -21.85 -17.28 -19.39
N GLN A 235 -22.63 -18.37 -19.46
CA GLN A 235 -24.07 -18.25 -19.38
C GLN A 235 -24.48 -17.68 -18.04
N LEU A 236 -25.40 -16.71 -18.07
CA LEU A 236 -25.73 -15.97 -16.86
C LEU A 236 -26.46 -16.82 -15.85
N ALA A 237 -27.24 -17.81 -16.30
CA ALA A 237 -27.92 -18.71 -15.39
C ALA A 237 -28.18 -20.02 -16.11
N ASP A 238 -27.94 -21.14 -15.42
CA ASP A 238 -28.18 -22.44 -16.03
C ASP A 238 -29.67 -22.69 -16.25
N LYS A 239 -30.52 -22.18 -15.36
CA LYS A 239 -31.96 -22.33 -15.45
C LYS A 239 -32.62 -20.98 -15.19
N PHE A 240 -33.74 -20.74 -15.86
CA PHE A 240 -34.58 -19.58 -15.56
C PHE A 240 -35.88 -19.72 -16.35
N ALA A 241 -36.82 -18.82 -16.06
CA ALA A 241 -38.08 -18.74 -16.79
C ALA A 241 -38.41 -17.26 -17.03
N TYR A 242 -39.20 -17.01 -18.06
CA TYR A 242 -39.62 -15.65 -18.38
C TYR A 242 -41.14 -15.54 -18.29
N ARG A 243 -41.61 -14.52 -17.57
CA ARG A 243 -43.05 -14.28 -17.43
C ARG A 243 -43.53 -13.52 -18.66
N HIS A 244 -44.14 -14.25 -19.59
CA HIS A 244 -44.62 -13.69 -20.83
C HIS A 244 -46.00 -14.25 -21.14
N ALA A 245 -46.74 -13.54 -21.99
CA ALA A 245 -48.07 -14.01 -22.38
C ALA A 245 -47.99 -15.33 -23.15
N LEU A 246 -46.97 -15.47 -24.01
CA LEU A 246 -46.86 -16.62 -24.88
C LEU A 246 -45.45 -17.18 -24.84
N THR A 247 -45.33 -18.46 -25.21
CA THR A 247 -44.04 -19.11 -25.33
C THR A 247 -43.36 -18.66 -26.61
N VAL A 248 -42.07 -18.33 -26.51
CA VAL A 248 -41.25 -17.94 -27.65
C VAL A 248 -40.18 -19.00 -27.83
N GLN A 249 -40.14 -19.62 -29.01
CA GLN A 249 -39.31 -20.80 -29.19
C GLN A 249 -38.51 -20.80 -30.49
N ASP A 250 -38.41 -19.66 -31.18
CA ASP A 250 -37.63 -19.64 -32.42
C ASP A 250 -36.14 -19.89 -32.13
N ALA A 251 -35.61 -19.25 -31.09
CA ALA A 251 -34.25 -19.55 -30.67
C ALA A 251 -34.12 -20.99 -30.19
N ASP A 252 -35.21 -21.55 -29.65
CA ASP A 252 -35.21 -22.97 -29.31
C ASP A 252 -35.06 -23.82 -30.56
N GLU A 253 -35.79 -23.49 -31.63
CA GLU A 253 -35.59 -24.21 -32.88
C GLU A 253 -34.17 -24.04 -33.40
N TRP A 254 -33.57 -22.87 -33.13
CA TRP A 254 -32.20 -22.64 -33.57
C TRP A 254 -31.21 -23.53 -32.81
N ILE A 255 -31.39 -23.67 -31.49
CA ILE A 255 -30.48 -24.52 -30.73
C ILE A 255 -30.68 -25.99 -31.09
N GLU A 256 -31.93 -26.46 -31.17
CA GLU A 256 -32.11 -27.85 -31.56
C GLU A 256 -31.72 -28.11 -33.01
N GLY A 257 -31.36 -27.08 -33.77
CA GLY A 257 -30.79 -27.27 -35.09
C GLY A 257 -31.84 -27.28 -36.19
N ASP A 258 -32.84 -26.42 -36.09
CA ASP A 258 -33.92 -26.37 -37.07
C ASP A 258 -33.91 -25.09 -37.88
N ARG A 259 -33.92 -23.93 -37.22
CA ARG A 259 -33.89 -22.66 -37.93
C ARG A 259 -32.48 -22.42 -38.45
N THR A 260 -32.37 -22.19 -39.75
CA THR A 260 -31.07 -21.94 -40.35
C THR A 260 -30.59 -20.55 -39.96
N ASP A 261 -29.31 -20.29 -40.23
CA ASP A 261 -28.70 -19.03 -39.80
C ASP A 261 -29.37 -17.83 -40.47
N ASP A 262 -29.73 -17.95 -41.75
CA ASP A 262 -30.20 -16.77 -42.48
C ASP A 262 -31.49 -16.20 -41.90
N GLN A 263 -32.45 -17.06 -41.53
CA GLN A 263 -33.69 -16.51 -40.98
C GLN A 263 -33.52 -16.07 -39.54
N PHE A 264 -32.73 -16.80 -38.76
CA PHE A 264 -32.45 -16.40 -37.37
C PHE A 264 -31.06 -15.77 -37.32
N ARG A 265 -31.04 -14.45 -37.39
CA ARG A 265 -29.84 -13.65 -37.34
C ARG A 265 -29.99 -12.66 -36.19
N PRO A 266 -28.88 -12.12 -35.69
CA PRO A 266 -28.99 -11.13 -34.61
C PRO A 266 -29.89 -9.98 -35.01
N PRO A 267 -30.77 -9.55 -34.11
CA PRO A 267 -31.70 -8.47 -34.46
C PRO A 267 -30.97 -7.17 -34.74
N SER A 268 -31.66 -6.28 -35.44
CA SER A 268 -31.07 -5.01 -35.82
C SER A 268 -30.80 -4.14 -34.59
N SER A 269 -30.08 -3.04 -34.81
CA SER A 269 -29.76 -2.14 -33.71
C SER A 269 -31.01 -1.53 -33.10
N LYS A 270 -31.97 -1.12 -33.94
CA LYS A 270 -33.15 -0.44 -33.43
C LYS A 270 -33.96 -1.34 -32.52
N VAL A 271 -34.23 -2.58 -32.97
CA VAL A 271 -35.03 -3.49 -32.16
C VAL A 271 -34.27 -3.91 -30.91
N MET A 272 -32.94 -4.06 -30.99
CA MET A 272 -32.15 -4.38 -29.81
C MET A 272 -32.23 -3.26 -28.77
N LEU A 273 -32.09 -2.01 -29.22
CA LEU A 273 -32.24 -0.88 -28.30
C LEU A 273 -33.65 -0.81 -27.74
N SER A 274 -34.65 -1.15 -28.56
CA SER A 274 -36.03 -1.16 -28.08
C SER A 274 -36.22 -2.21 -27.00
N ALA A 275 -35.62 -3.39 -27.18
CA ALA A 275 -35.67 -4.42 -26.13
C ALA A 275 -35.01 -3.92 -24.86
N LEU A 276 -33.85 -3.27 -24.99
CA LEU A 276 -33.22 -2.64 -23.84
C LEU A 276 -34.17 -1.69 -23.12
N ARG A 277 -34.78 -0.78 -23.87
CA ARG A 277 -35.67 0.21 -23.29
C ARG A 277 -36.84 -0.44 -22.58
N LYS A 278 -37.50 -1.38 -23.25
CA LYS A 278 -38.65 -2.05 -22.65
C LYS A 278 -38.26 -2.77 -21.37
N TYR A 279 -37.18 -3.55 -21.42
CA TYR A 279 -36.73 -4.27 -20.24
C TYR A 279 -36.50 -3.32 -19.07
N VAL A 280 -35.74 -2.26 -19.31
CA VAL A 280 -35.33 -1.38 -18.22
C VAL A 280 -36.53 -0.63 -17.65
N ASN A 281 -37.35 -0.03 -18.51
CA ASN A 281 -38.41 0.82 -17.98
C ASN A 281 -39.65 0.04 -17.59
N HIS A 282 -39.68 -1.28 -17.83
CA HIS A 282 -40.74 -2.07 -17.22
C HIS A 282 -40.30 -2.66 -15.89
N ASN A 283 -39.04 -3.08 -15.78
CA ASN A 283 -38.53 -3.59 -14.51
C ASN A 283 -37.98 -2.49 -13.61
N ARG A 284 -37.98 -1.24 -14.09
CA ARG A 284 -37.50 -0.10 -13.30
C ARG A 284 -36.06 -0.34 -12.84
N LEU A 285 -35.22 -0.74 -13.79
CA LEU A 285 -33.81 -1.04 -13.55
C LEU A 285 -32.92 0.14 -13.85
N TYR A 286 -33.36 1.36 -13.50
CA TYR A 286 -32.58 2.55 -13.84
C TYR A 286 -31.23 2.53 -13.16
N ASN A 287 -31.18 2.18 -11.87
CA ASN A 287 -29.92 2.17 -11.14
C ASN A 287 -28.97 1.11 -11.69
N GLN A 288 -29.48 -0.10 -11.91
CA GLN A 288 -28.63 -1.18 -12.42
C GLN A 288 -28.15 -0.87 -13.83
N PHE A 289 -29.00 -0.26 -14.65
CA PHE A 289 -28.58 0.12 -15.99
C PHE A 289 -27.55 1.25 -15.95
N TYR A 290 -27.68 2.17 -14.99
CA TYR A 290 -26.66 3.20 -14.85
C TYR A 290 -25.32 2.58 -14.51
N THR A 291 -25.33 1.60 -13.60
CA THR A 291 -24.09 0.88 -13.29
C THR A 291 -23.55 0.17 -14.52
N ALA A 292 -24.43 -0.47 -15.30
CA ALA A 292 -23.99 -1.17 -16.50
C ALA A 292 -23.35 -0.22 -17.50
N ALA A 293 -23.96 0.94 -17.72
CA ALA A 293 -23.40 1.93 -18.62
C ALA A 293 -22.06 2.45 -18.11
N GLN A 294 -21.96 2.67 -16.81
CA GLN A 294 -20.68 3.09 -16.23
C GLN A 294 -19.59 2.07 -16.51
N LEU A 295 -19.88 0.80 -16.27
CA LEU A 295 -18.87 -0.23 -16.46
C LEU A 295 -18.49 -0.35 -17.93
N LEU A 296 -19.47 -0.31 -18.83
CA LEU A 296 -19.18 -0.38 -20.27
C LEU A 296 -18.34 0.82 -20.71
N ALA A 297 -18.67 2.01 -20.22
CA ALA A 297 -17.88 3.18 -20.58
C ALA A 297 -16.45 3.06 -20.10
N GLN A 298 -16.26 2.55 -18.87
CA GLN A 298 -14.90 2.44 -18.36
C GLN A 298 -14.11 1.31 -19.02
N ILE A 299 -14.78 0.34 -19.63
CA ILE A 299 -14.06 -0.75 -20.29
C ILE A 299 -13.88 -0.50 -21.79
N MET A 300 -14.62 0.45 -22.36
CA MET A 300 -14.78 0.56 -23.81
C MET A 300 -13.49 0.67 -24.61
N MET A 301 -12.72 1.76 -24.44
CA MET A 301 -11.59 2.00 -25.34
C MET A 301 -10.47 2.73 -24.62
N LYS A 302 -9.32 2.78 -25.28
CA LYS A 302 -8.09 3.43 -24.85
C LYS A 302 -7.56 4.29 -25.99
N PRO A 303 -6.78 5.32 -25.68
CA PRO A 303 -6.19 6.14 -26.75
C PRO A 303 -4.95 5.49 -27.33
N VAL A 304 -4.74 5.73 -28.62
CA VAL A 304 -3.49 5.32 -29.26
C VAL A 304 -2.41 6.34 -28.92
N PRO A 305 -1.26 5.91 -28.38
CA PRO A 305 -0.24 6.87 -27.94
C PRO A 305 0.60 7.37 -29.11
N ASN A 306 0.76 8.69 -29.18
CA ASN A 306 1.64 9.27 -30.20
C ASN A 306 3.10 8.98 -29.89
N CYS A 307 3.49 9.02 -28.62
CA CYS A 307 4.86 8.77 -28.24
C CYS A 307 5.13 7.27 -28.18
N ALA A 308 6.41 6.91 -28.33
CA ALA A 308 6.77 5.50 -28.44
C ALA A 308 6.55 4.76 -27.14
N GLU A 309 6.96 5.34 -26.02
CA GLU A 309 6.88 4.64 -24.74
C GLU A 309 5.46 4.60 -24.18
N GLY A 310 4.50 5.26 -24.82
CA GLY A 310 3.15 5.26 -24.30
C GLY A 310 2.35 4.01 -24.56
N TYR A 311 2.91 3.04 -25.30
CA TYR A 311 2.19 1.83 -25.65
C TYR A 311 2.06 0.86 -24.48
N ALA A 312 2.78 1.12 -23.39
CA ALA A 312 2.61 0.32 -22.18
C ALA A 312 1.16 0.42 -21.68
N TRP A 313 0.55 1.59 -21.86
CA TRP A 313 -0.86 1.73 -21.51
C TRP A 313 -1.72 0.79 -22.34
N LEU A 314 -1.36 0.61 -23.61
CA LEU A 314 -2.08 -0.34 -24.44
C LEU A 314 -1.88 -1.77 -23.95
N MET A 315 -0.65 -2.14 -23.59
CA MET A 315 -0.41 -3.53 -23.19
C MET A 315 -1.09 -3.88 -21.86
N HIS A 316 -1.32 -2.90 -21.00
CA HIS A 316 -1.90 -3.18 -19.69
C HIS A 316 -3.40 -3.45 -19.82
N ASP A 317 -3.87 -4.46 -19.08
CA ASP A 317 -5.25 -4.95 -19.19
C ASP A 317 -6.00 -4.66 -17.89
N ALA A 318 -7.23 -4.17 -18.03
CA ALA A 318 -8.04 -3.87 -16.86
C ALA A 318 -8.59 -5.14 -16.24
N LEU A 319 -9.12 -5.00 -15.02
CA LEU A 319 -9.79 -6.09 -14.32
C LEU A 319 -11.19 -5.63 -13.93
N VAL A 320 -12.19 -6.40 -14.34
CA VAL A 320 -13.59 -6.01 -14.15
C VAL A 320 -14.27 -7.06 -13.28
N ASN A 321 -15.10 -6.60 -12.35
CA ASN A 321 -15.83 -7.45 -11.42
C ASN A 321 -17.32 -7.25 -11.64
N ILE A 322 -17.90 -8.06 -12.51
CA ILE A 322 -19.34 -8.03 -12.80
C ILE A 322 -20.06 -8.96 -11.84
N PRO A 323 -21.11 -8.51 -11.18
CA PRO A 323 -21.84 -9.38 -10.25
C PRO A 323 -22.59 -10.48 -10.99
N LYS A 324 -22.82 -11.58 -10.28
CA LYS A 324 -23.58 -12.68 -10.85
C LYS A 324 -25.02 -12.29 -11.08
N PHE A 325 -25.63 -12.91 -12.08
CA PHE A 325 -26.97 -12.55 -12.50
C PHE A 325 -28.01 -13.19 -11.59
N GLY A 326 -28.99 -12.38 -11.17
CA GLY A 326 -30.07 -12.87 -10.33
C GLY A 326 -31.28 -12.01 -10.49
N SER A 327 -32.45 -12.61 -10.30
CA SER A 327 -33.70 -11.92 -10.62
C SER A 327 -34.82 -12.36 -9.68
N ILE A 328 -35.57 -11.39 -9.19
CA ILE A 328 -36.84 -11.60 -8.51
C ILE A 328 -37.97 -10.81 -9.13
N ARG A 329 -37.69 -10.01 -10.17
CA ARG A 329 -38.73 -9.22 -10.80
C ARG A 329 -39.81 -10.10 -11.41
N GLY A 330 -39.41 -11.15 -12.12
CA GLY A 330 -40.37 -12.03 -12.76
C GLY A 330 -41.00 -13.05 -11.85
N ARG A 331 -40.59 -13.11 -10.59
CA ARG A 331 -41.15 -14.10 -9.67
C ARG A 331 -42.62 -13.82 -9.39
N TYR A 332 -42.97 -12.56 -9.14
CA TYR A 332 -44.35 -12.18 -8.90
C TYR A 332 -44.71 -11.04 -9.85
N PRO A 333 -45.97 -10.98 -10.31
CA PRO A 333 -46.33 -9.97 -11.31
C PRO A 333 -46.70 -8.62 -10.73
N PHE A 334 -47.00 -8.54 -9.43
CA PHE A 334 -47.39 -7.27 -8.84
C PHE A 334 -46.21 -6.44 -8.37
N LEU A 335 -45.00 -7.00 -8.38
CA LEU A 335 -43.84 -6.27 -7.86
C LEU A 335 -43.53 -5.06 -8.73
N LEU A 336 -43.61 -5.21 -10.04
CA LEU A 336 -43.32 -4.11 -10.96
C LEU A 336 -44.47 -3.11 -11.05
N SER A 337 -45.58 -3.35 -10.35
CA SER A 337 -46.69 -2.42 -10.30
C SER A 337 -46.44 -1.36 -9.23
N GLY A 338 -47.45 -0.54 -8.97
CA GLY A 338 -47.32 0.42 -7.89
C GLY A 338 -46.37 1.56 -8.24
N ASP A 339 -45.87 2.21 -7.20
CA ASP A 339 -44.96 3.34 -7.32
C ASP A 339 -43.52 2.83 -7.13
N ALA A 340 -42.71 2.95 -8.18
CA ALA A 340 -41.32 2.55 -8.09
C ALA A 340 -40.60 3.39 -7.04
N ALA A 341 -39.74 2.74 -6.26
CA ALA A 341 -39.15 3.36 -5.09
C ALA A 341 -37.63 3.38 -5.16
N LEU A 342 -37.06 4.42 -4.59
CA LEU A 342 -35.61 4.55 -4.39
C LEU A 342 -34.87 4.51 -5.73
N ILE A 343 -35.19 5.48 -6.58
CA ILE A 343 -34.54 5.65 -7.87
C ILE A 343 -33.72 6.92 -7.81
N GLN A 344 -32.43 6.82 -8.11
CA GLN A 344 -31.56 7.98 -8.03
C GLN A 344 -31.83 8.93 -9.18
N ALA A 345 -31.88 10.23 -8.86
CA ALA A 345 -32.15 11.24 -9.88
C ALA A 345 -31.08 11.23 -10.96
N THR A 346 -29.82 11.07 -10.56
CA THR A 346 -28.74 10.98 -11.54
C THR A 346 -28.93 9.78 -12.46
N ALA A 347 -29.30 8.62 -11.89
CA ALA A 347 -29.54 7.45 -12.72
C ALA A 347 -30.70 7.68 -13.67
N LEU A 348 -31.78 8.29 -13.19
CA LEU A 348 -32.95 8.52 -14.05
C LEU A 348 -32.60 9.45 -15.19
N GLU A 349 -31.90 10.55 -14.89
CA GLU A 349 -31.57 11.51 -15.95
C GLU A 349 -30.58 10.92 -16.93
N ASP A 350 -29.62 10.12 -16.44
CA ASP A 350 -28.68 9.45 -17.34
C ASP A 350 -29.41 8.47 -18.25
N TRP A 351 -30.36 7.72 -17.70
CA TRP A 351 -31.15 6.79 -18.51
C TRP A 351 -31.95 7.53 -19.57
N SER A 352 -32.61 8.62 -19.19
CA SER A 352 -33.38 9.38 -20.16
C SER A 352 -32.48 9.90 -21.27
N ALA A 353 -31.29 10.39 -20.91
CA ALA A 353 -30.37 10.91 -21.92
C ALA A 353 -29.88 9.81 -22.85
N ILE A 354 -29.51 8.65 -22.31
CA ILE A 354 -28.93 7.62 -23.17
C ILE A 354 -29.99 6.99 -24.06
N MET A 355 -31.24 6.93 -23.62
CA MET A 355 -32.28 6.48 -24.54
C MET A 355 -32.75 7.57 -25.48
N ALA A 356 -32.52 8.85 -25.15
CA ALA A 356 -32.71 9.90 -26.13
C ALA A 356 -31.69 9.79 -27.26
N LYS A 357 -30.42 9.66 -26.90
CA LYS A 357 -29.36 9.34 -27.86
C LYS A 357 -28.45 8.28 -27.25
N PRO A 358 -28.27 7.15 -27.93
CA PRO A 358 -27.51 6.03 -27.35
C PRO A 358 -26.01 6.16 -27.47
N GLU A 359 -25.49 7.32 -27.88
CA GLU A 359 -24.06 7.49 -28.04
C GLU A 359 -23.46 8.35 -26.95
N LEU A 360 -24.28 8.78 -25.99
CA LEU A 360 -23.74 9.37 -24.77
C LEU A 360 -22.76 8.43 -24.10
N VAL A 361 -23.03 7.13 -24.14
CA VAL A 361 -22.11 6.14 -23.58
C VAL A 361 -20.79 6.18 -24.32
N PHE A 362 -20.82 6.31 -25.65
CA PHE A 362 -19.57 6.32 -26.42
C PHE A 362 -18.75 7.58 -26.14
N THR A 363 -19.39 8.76 -26.15
CA THR A 363 -18.63 9.98 -25.89
C THR A 363 -18.11 10.00 -24.46
N TYR A 364 -18.92 9.53 -23.51
CA TYR A 364 -18.46 9.45 -22.12
C TYR A 364 -17.33 8.45 -21.98
N ALA A 365 -17.35 7.36 -22.75
CA ALA A 365 -16.29 6.38 -22.68
C ALA A 365 -14.98 6.96 -23.21
N MET A 366 -15.03 7.68 -24.34
CA MET A 366 -13.81 8.32 -24.84
C MET A 366 -13.28 9.33 -23.84
N GLN A 367 -14.17 10.15 -23.28
CA GLN A 367 -13.74 11.14 -22.29
C GLN A 367 -13.14 10.47 -21.06
N VAL A 368 -13.76 9.38 -20.58
CA VAL A 368 -13.26 8.71 -19.40
C VAL A 368 -11.93 8.04 -19.69
N SER A 369 -11.72 7.56 -20.92
CA SER A 369 -10.43 6.97 -21.26
C SER A 369 -9.32 8.02 -21.22
N VAL A 370 -9.56 9.17 -21.86
CA VAL A 370 -8.55 10.23 -21.85
C VAL A 370 -8.30 10.71 -20.42
N ALA A 371 -9.37 10.93 -19.67
CA ALA A 371 -9.25 11.41 -18.30
C ALA A 371 -8.54 10.40 -17.42
N LEU A 372 -8.80 9.11 -17.62
CA LEU A 372 -8.15 8.07 -16.82
C LEU A 372 -6.66 8.05 -17.06
N ASN A 373 -6.25 8.06 -18.33
CA ASN A 373 -4.82 8.05 -18.62
C ASN A 373 -4.14 9.28 -18.03
N THR A 374 -4.73 10.46 -18.27
CA THR A 374 -4.10 11.68 -17.76
C THR A 374 -4.11 11.71 -16.24
N GLY A 375 -5.15 11.19 -15.60
CA GLY A 375 -5.20 11.19 -14.15
C GLY A 375 -4.17 10.28 -13.53
N LEU A 376 -3.98 9.09 -14.09
CA LEU A 376 -2.93 8.22 -13.59
C LEU A 376 -1.56 8.87 -13.78
N TYR A 377 -1.32 9.46 -14.95
CA TYR A 377 -0.01 10.05 -15.20
C TYR A 377 0.22 11.25 -14.30
N LEU A 378 -0.80 12.08 -14.08
CA LEU A 378 -0.63 13.24 -13.22
C LEU A 378 -0.51 12.86 -11.76
N ARG A 379 -1.13 11.75 -11.34
CA ARG A 379 -0.87 11.24 -10.01
C ARG A 379 0.59 10.83 -9.87
N ARG A 380 1.13 10.15 -10.87
CA ARG A 380 2.55 9.78 -10.83
C ARG A 380 3.44 11.01 -10.79
N VAL A 381 3.11 12.03 -11.58
CA VAL A 381 3.95 13.23 -11.66
C VAL A 381 3.84 14.04 -10.36
N LYS A 382 2.62 14.26 -9.89
CA LYS A 382 2.38 15.06 -8.70
C LYS A 382 2.81 14.37 -7.42
N LYS A 383 3.06 13.05 -7.46
CA LYS A 383 3.78 12.43 -6.36
C LYS A 383 5.12 13.11 -6.11
N THR A 384 5.85 13.41 -7.19
CA THR A 384 7.18 14.00 -7.05
C THR A 384 7.11 15.36 -6.38
N GLY A 385 6.14 16.18 -6.77
CA GLY A 385 6.02 17.52 -6.24
C GLY A 385 5.94 18.54 -7.35
N PHE A 386 5.83 18.05 -8.57
CA PHE A 386 5.71 18.92 -9.74
C PHE A 386 4.34 19.59 -9.73
N GLY A 387 4.33 20.91 -9.60
CA GLY A 387 3.10 21.66 -9.72
C GLY A 387 2.21 21.69 -8.49
N THR A 388 2.32 20.68 -7.64
CA THR A 388 1.45 20.54 -6.48
C THR A 388 2.20 20.95 -5.22
N THR A 389 1.50 21.67 -4.33
CA THR A 389 2.13 22.14 -3.10
C THR A 389 2.17 21.06 -2.02
N ILE A 390 1.07 20.36 -1.80
CA ILE A 390 0.94 19.42 -0.71
C ILE A 390 1.38 18.04 -1.18
N ASP A 391 2.23 17.39 -0.39
CA ASP A 391 2.66 16.01 -0.66
C ASP A 391 1.61 15.05 -0.12
N ASP A 392 0.49 15.00 -0.83
CA ASP A 392 -0.63 14.14 -0.47
C ASP A 392 -0.28 12.68 -0.73
N SER A 393 -1.10 11.79 -0.17
CA SER A 393 -0.94 10.36 -0.39
C SER A 393 -1.59 9.97 -1.72
N TYR A 394 -0.98 10.45 -2.80
CA TYR A 394 -1.45 10.08 -4.13
C TYR A 394 -1.30 8.58 -4.40
N GLU A 395 -0.34 7.93 -3.75
CA GLU A 395 -0.04 6.54 -4.12
C GLU A 395 -1.13 5.58 -3.66
N ASP A 396 -1.69 5.80 -2.47
CA ASP A 396 -2.55 4.78 -1.87
C ASP A 396 -3.80 5.35 -1.21
N GLY A 397 -4.11 6.62 -1.45
CA GLY A 397 -5.20 7.25 -0.73
C GLY A 397 -6.58 6.75 -1.09
N ALA A 398 -7.03 7.07 -2.30
CA ALA A 398 -8.35 6.63 -2.77
C ALA A 398 -8.24 5.71 -3.97
N PHE A 399 -7.03 5.30 -4.34
CA PHE A 399 -6.83 4.37 -5.42
C PHE A 399 -6.83 2.91 -4.94
N LEU A 400 -6.83 2.68 -3.64
CA LEU A 400 -6.94 1.32 -3.12
C LEU A 400 -8.34 0.76 -3.34
N GLN A 401 -9.37 1.54 -3.01
CA GLN A 401 -10.74 1.12 -3.22
C GLN A 401 -10.96 0.85 -4.69
N PRO A 402 -11.10 -0.42 -5.09
CA PRO A 402 -11.21 -0.72 -6.53
C PRO A 402 -12.38 -0.03 -7.18
N GLU A 403 -13.50 0.10 -6.46
CA GLU A 403 -14.68 0.75 -7.02
C GLU A 403 -14.47 2.24 -7.22
N THR A 404 -13.58 2.87 -6.45
CA THR A 404 -13.27 4.28 -6.60
C THR A 404 -11.95 4.52 -7.30
N PHE A 405 -11.36 3.49 -7.91
CA PHE A 405 -10.08 3.65 -8.59
C PHE A 405 -10.18 4.62 -9.77
N VAL A 406 -10.99 4.27 -10.77
CA VAL A 406 -11.08 5.08 -11.99
C VAL A 406 -11.69 6.44 -11.68
N GLN A 407 -12.63 6.49 -10.73
CA GLN A 407 -13.19 7.77 -10.33
C GLN A 407 -12.14 8.64 -9.66
N ALA A 408 -11.25 8.04 -8.85
CA ALA A 408 -10.17 8.82 -8.24
C ALA A 408 -9.23 9.34 -9.30
N ALA A 409 -8.92 8.53 -10.31
CA ALA A 409 -8.07 9.00 -11.41
C ALA A 409 -8.71 10.17 -12.13
N LEU A 410 -10.01 10.07 -12.41
CA LEU A 410 -10.71 11.16 -13.09
C LEU A 410 -10.72 12.42 -12.23
N ALA A 411 -10.95 12.28 -10.93
CA ALA A 411 -10.95 13.44 -10.05
C ALA A 411 -9.58 14.11 -10.02
N CYS A 412 -8.52 13.32 -9.88
CA CYS A 412 -7.18 13.88 -9.85
C CYS A 412 -6.82 14.55 -11.17
N CYS A 413 -7.35 14.05 -12.28
CA CYS A 413 -7.08 14.67 -13.57
C CYS A 413 -7.85 15.96 -13.75
N THR A 414 -9.18 15.87 -13.77
CA THR A 414 -10.04 16.94 -14.26
C THR A 414 -10.42 17.93 -13.17
N GLY A 415 -10.64 17.46 -11.94
CA GLY A 415 -10.95 18.34 -10.83
C GLY A 415 -12.42 18.43 -10.48
N GLN A 416 -13.30 17.89 -11.31
CA GLN A 416 -14.72 17.87 -11.02
C GLN A 416 -15.09 16.54 -10.36
N ASP A 417 -16.37 16.39 -10.01
CA ASP A 417 -16.83 15.22 -9.27
C ASP A 417 -17.02 14.05 -10.23
N ALA A 418 -16.13 13.08 -10.16
CA ALA A 418 -16.27 11.88 -10.97
C ALA A 418 -17.45 11.06 -10.48
N PRO A 419 -18.34 10.60 -11.36
CA PRO A 419 -19.51 9.84 -10.91
C PRO A 419 -19.12 8.42 -10.50
N LEU A 420 -19.59 8.01 -9.33
CA LEU A 420 -19.25 6.70 -8.80
C LEU A 420 -20.06 5.60 -9.51
N ASN A 421 -19.64 4.36 -9.30
CA ASN A 421 -20.27 3.22 -9.96
C ASN A 421 -21.73 3.02 -9.53
N GLY A 422 -22.12 3.55 -8.37
CA GLY A 422 -23.49 3.39 -7.91
C GLY A 422 -23.85 1.97 -7.55
N MET A 423 -22.86 1.13 -7.26
CA MET A 423 -23.10 -0.27 -6.95
C MET A 423 -21.88 -0.78 -6.20
N SER A 424 -22.11 -1.64 -5.21
CA SER A 424 -21.01 -2.13 -4.40
C SER A 424 -20.40 -3.38 -5.02
N ASP A 425 -19.09 -3.53 -4.82
CA ASP A 425 -18.33 -4.69 -5.29
C ASP A 425 -18.38 -4.83 -6.80
N VAL A 426 -18.36 -3.70 -7.50
CA VAL A 426 -18.19 -3.67 -8.95
C VAL A 426 -17.13 -2.63 -9.27
N TYR A 427 -16.21 -2.99 -10.15
CA TYR A 427 -15.13 -2.04 -10.43
C TYR A 427 -14.40 -2.43 -11.70
N VAL A 428 -13.74 -1.44 -12.30
CA VAL A 428 -12.72 -1.64 -13.31
C VAL A 428 -11.41 -1.16 -12.71
N THR A 429 -10.50 -2.08 -12.44
CA THR A 429 -9.30 -1.79 -11.67
C THR A 429 -8.08 -2.35 -12.37
N TYR A 430 -6.99 -1.59 -12.36
CA TYR A 430 -5.69 -2.05 -12.83
C TYR A 430 -4.82 -2.40 -11.62
N PRO A 431 -4.81 -3.65 -11.17
CA PRO A 431 -4.02 -3.99 -9.97
C PRO A 431 -2.54 -3.73 -10.13
N ASP A 432 -1.98 -3.93 -11.32
CA ASP A 432 -0.55 -3.78 -11.53
C ASP A 432 -0.13 -2.34 -11.78
N LEU A 433 -0.98 -1.38 -11.42
CA LEU A 433 -0.71 0.03 -11.69
C LEU A 433 -0.62 0.89 -10.44
N LEU A 434 -1.00 0.36 -9.27
CA LEU A 434 -0.92 1.15 -8.05
C LEU A 434 0.53 1.50 -7.71
N GLU A 435 1.44 0.56 -7.91
CA GLU A 435 2.85 0.84 -7.70
C GLU A 435 3.38 1.82 -8.74
N PHE A 436 4.33 2.64 -8.32
CA PHE A 436 5.02 3.58 -9.20
C PHE A 436 6.27 2.98 -9.82
N ASP A 437 6.60 1.74 -9.46
CA ASP A 437 7.76 1.05 -10.00
C ASP A 437 7.38 0.07 -11.09
N ALA A 438 6.09 -0.11 -11.36
CA ALA A 438 5.65 -1.08 -12.36
C ALA A 438 6.25 -0.78 -13.72
N VAL A 439 6.84 -1.80 -14.33
CA VAL A 439 7.50 -1.67 -15.62
C VAL A 439 6.74 -2.47 -16.67
N THR A 440 6.97 -2.13 -17.93
CA THR A 440 6.40 -2.82 -19.07
C THR A 440 7.47 -3.08 -20.11
N GLN A 441 7.45 -4.27 -20.70
CA GLN A 441 8.38 -4.63 -21.77
C GLN A 441 7.63 -4.59 -23.09
N VAL A 442 7.63 -3.42 -23.72
CA VAL A 442 7.00 -3.26 -25.03
C VAL A 442 7.93 -3.84 -26.10
N PRO A 443 7.43 -4.72 -26.97
CA PRO A 443 8.28 -5.23 -28.06
C PRO A 443 8.72 -4.09 -28.97
N ILE A 444 9.99 -4.11 -29.37
CA ILE A 444 10.54 -3.08 -30.24
C ILE A 444 11.56 -3.68 -31.20
N THR A 445 11.32 -3.51 -32.50
CA THR A 445 12.35 -3.69 -33.52
C THR A 445 12.97 -2.32 -33.78
N VAL A 446 14.09 -2.04 -33.12
CA VAL A 446 14.71 -0.72 -33.23
C VAL A 446 15.29 -0.54 -34.63
N ILE A 447 14.95 0.57 -35.27
CA ILE A 447 15.48 0.86 -36.60
C ILE A 447 16.87 1.47 -36.51
N GLU A 448 17.00 2.57 -35.78
CA GLU A 448 18.28 3.21 -35.57
C GLU A 448 18.43 3.61 -34.11
N PRO A 449 19.63 3.46 -33.55
CA PRO A 449 19.83 3.80 -32.13
C PRO A 449 19.70 5.29 -31.87
N ALA A 450 19.01 5.63 -30.80
CA ALA A 450 18.80 7.02 -30.41
C ALA A 450 18.54 7.05 -28.91
N GLY A 451 18.20 8.23 -28.40
CA GLY A 451 17.86 8.34 -27.00
C GLY A 451 16.61 7.54 -26.68
N TYR A 452 16.80 6.37 -26.08
CA TYR A 452 15.74 5.44 -25.74
C TYR A 452 16.35 4.35 -24.86
N ASN A 453 15.64 3.98 -23.79
CA ASN A 453 16.17 3.01 -22.84
C ASN A 453 15.78 1.62 -23.37
N ILE A 454 16.51 1.21 -24.41
CA ILE A 454 16.25 -0.06 -25.10
C ILE A 454 17.19 -1.10 -24.50
N VAL A 455 16.65 -1.98 -23.67
CA VAL A 455 17.40 -3.10 -23.12
C VAL A 455 16.75 -4.40 -23.57
N ASP A 456 17.53 -5.22 -24.29
CA ASP A 456 17.09 -6.54 -24.72
C ASP A 456 15.78 -6.51 -25.52
N ASP A 457 15.77 -5.73 -26.62
CA ASP A 457 14.74 -5.73 -27.64
C ASP A 457 13.44 -5.07 -27.14
N HIS A 458 13.36 -4.71 -25.87
CA HIS A 458 12.16 -4.07 -25.32
C HIS A 458 12.61 -2.86 -24.49
N LEU A 459 12.11 -1.67 -24.84
CA LEU A 459 12.32 -0.60 -23.88
C LEU A 459 11.42 -0.82 -22.67
N VAL A 460 11.81 -0.22 -21.56
CA VAL A 460 11.03 -0.32 -20.33
C VAL A 460 10.49 1.05 -19.98
N VAL A 461 9.33 1.06 -19.35
CA VAL A 461 8.72 2.28 -18.85
C VAL A 461 8.52 2.10 -17.35
N VAL A 462 8.39 3.23 -16.65
CA VAL A 462 8.22 3.22 -15.20
C VAL A 462 6.91 3.93 -14.90
N GLY A 463 6.04 3.26 -14.15
CA GLY A 463 4.73 3.82 -13.88
C GLY A 463 3.88 3.83 -15.14
N VAL A 464 3.00 4.83 -15.21
CA VAL A 464 2.11 4.96 -16.37
C VAL A 464 2.59 6.13 -17.23
N PRO A 465 2.58 5.98 -18.55
CA PRO A 465 3.01 7.06 -19.43
C PRO A 465 1.83 7.89 -19.94
N VAL A 466 2.16 8.97 -20.64
CA VAL A 466 1.16 9.71 -21.38
C VAL A 466 0.87 8.97 -22.69
N ALA A 467 -0.40 8.74 -22.97
CA ALA A 467 -0.80 8.17 -24.25
C ALA A 467 -1.81 9.02 -25.00
N CYS A 468 -2.32 10.09 -24.39
CA CYS A 468 -3.31 10.94 -25.02
C CYS A 468 -2.94 12.41 -24.77
N SER A 469 -3.74 13.30 -25.31
CA SER A 469 -3.56 14.73 -25.08
C SER A 469 -4.87 15.31 -24.58
N PRO A 470 -4.82 16.28 -23.67
CA PRO A 470 -6.06 16.77 -23.03
C PRO A 470 -6.85 17.69 -23.95
N TYR A 471 -7.37 17.11 -25.02
CA TYR A 471 -8.09 17.89 -26.02
C TYR A 471 -9.56 17.48 -26.16
N MET A 472 -9.89 16.22 -25.91
CA MET A 472 -11.30 15.86 -25.74
C MET A 472 -11.88 16.58 -24.53
N ILE A 473 -11.06 16.78 -23.51
CA ILE A 473 -11.41 17.61 -22.36
C ILE A 473 -10.28 18.63 -22.21
N PHE A 474 -10.49 19.84 -22.73
CA PHE A 474 -9.41 20.83 -22.66
C PHE A 474 -9.29 21.62 -21.36
N PRO A 475 -10.37 22.17 -20.79
CA PRO A 475 -10.19 23.08 -19.65
C PRO A 475 -9.82 22.35 -18.37
N VAL A 476 -9.37 21.10 -18.51
CA VAL A 476 -8.93 20.26 -17.39
C VAL A 476 -7.99 21.03 -16.48
N ALA A 477 -8.37 21.12 -15.20
CA ALA A 477 -7.58 21.86 -14.20
C ALA A 477 -6.72 20.86 -13.43
N ALA A 478 -5.64 20.43 -14.08
CA ALA A 478 -4.74 19.46 -13.46
C ALA A 478 -3.99 20.08 -12.29
N PHE A 479 -3.50 21.30 -12.43
CA PHE A 479 -2.63 21.92 -11.45
C PHE A 479 -3.29 23.18 -10.90
N ASP A 480 -2.89 23.57 -9.69
CA ASP A 480 -3.45 24.76 -9.07
C ASP A 480 -3.10 26.03 -9.84
N THR A 481 -1.85 26.11 -10.33
CA THR A 481 -1.41 27.28 -11.07
C THR A 481 -1.73 27.12 -12.56
N ALA A 482 -1.57 28.23 -13.28
CA ALA A 482 -1.80 28.22 -14.72
C ALA A 482 -0.78 27.35 -15.43
N ASN A 483 -1.22 26.68 -16.48
CA ASN A 483 -0.39 25.69 -17.18
C ASN A 483 -1.01 25.44 -18.55
N PRO A 484 -0.30 24.73 -19.43
CA PRO A 484 -0.91 24.35 -20.71
C PRO A 484 -2.19 23.55 -20.57
N TYR A 485 -2.34 22.77 -19.50
CA TYR A 485 -3.62 22.09 -19.26
C TYR A 485 -4.73 23.10 -19.01
N CYS A 486 -4.42 24.19 -18.32
CA CYS A 486 -5.38 25.28 -18.16
C CYS A 486 -5.53 26.03 -19.47
N GLY A 487 -6.44 27.01 -19.48
CA GLY A 487 -6.66 27.76 -20.70
C GLY A 487 -5.47 28.60 -21.11
N ASN A 488 -4.87 29.31 -20.16
CA ASN A 488 -3.85 30.30 -20.48
C ASN A 488 -2.83 30.38 -19.35
N PHE A 489 -1.63 30.82 -19.69
CA PHE A 489 -0.59 31.02 -18.70
C PHE A 489 0.34 32.13 -19.17
N VAL A 490 1.06 32.72 -18.22
CA VAL A 490 2.01 33.80 -18.49
C VAL A 490 3.41 33.27 -18.23
N ILE A 491 4.27 33.39 -19.23
CA ILE A 491 5.66 32.98 -19.08
C ILE A 491 6.38 34.05 -18.27
N LYS A 492 6.98 33.65 -17.15
CA LYS A 492 7.57 34.59 -16.22
C LYS A 492 9.09 34.60 -16.35
N ALA A 493 9.70 35.57 -15.67
CA ALA A 493 11.14 35.74 -15.71
C ALA A 493 11.83 34.56 -15.04
N ALA A 494 13.03 34.24 -15.56
CA ALA A 494 13.79 33.12 -15.02
C ALA A 494 14.26 33.43 -13.61
N ASN A 495 14.53 32.36 -12.86
CA ASN A 495 15.03 32.53 -11.49
C ASN A 495 16.39 33.23 -11.50
N LYS A 496 17.28 32.82 -12.40
CA LYS A 496 18.55 33.52 -12.60
C LYS A 496 18.99 33.28 -14.03
N TYR A 497 19.67 34.27 -14.60
CA TYR A 497 20.20 34.18 -15.95
C TYR A 497 21.71 34.01 -15.88
N LEU A 498 22.23 33.11 -16.69
CA LEU A 498 23.67 32.88 -16.80
C LEU A 498 24.12 33.14 -18.23
N ARG A 499 25.42 32.97 -18.46
CA ARG A 499 25.99 33.23 -19.78
C ARG A 499 25.38 32.31 -20.84
N LYS A 500 25.29 31.02 -20.53
CA LYS A 500 24.82 30.04 -21.51
C LYS A 500 23.30 29.92 -21.55
N GLY A 501 22.60 30.45 -20.55
CA GLY A 501 21.15 30.36 -20.53
C GLY A 501 20.58 30.91 -19.25
N ALA A 502 19.51 30.26 -18.78
CA ALA A 502 18.87 30.63 -17.54
C ALA A 502 18.31 29.39 -16.88
N VAL A 503 18.22 29.42 -15.55
CA VAL A 503 17.60 28.32 -14.83
C VAL A 503 16.12 28.62 -14.67
N TYR A 504 15.34 27.56 -14.51
CA TYR A 504 13.89 27.65 -14.50
C TYR A 504 13.35 26.59 -13.57
N ASP A 505 12.19 26.87 -12.98
CA ASP A 505 11.53 25.84 -12.20
C ASP A 505 11.03 24.73 -13.12
N LYS A 506 10.66 23.60 -12.52
CA LYS A 506 10.18 22.48 -13.30
C LYS A 506 8.98 22.89 -14.15
N LEU A 507 7.96 23.46 -13.50
CA LEU A 507 6.71 23.79 -14.16
C LEU A 507 6.87 24.97 -15.10
N GLU A 508 7.63 25.99 -14.68
CA GLU A 508 7.85 27.14 -15.54
C GLU A 508 8.64 26.76 -16.78
N ALA A 509 9.65 25.90 -16.63
CA ALA A 509 10.39 25.44 -17.79
C ALA A 509 9.50 24.66 -18.74
N TRP A 510 8.64 23.79 -18.19
CA TRP A 510 7.77 23.03 -19.09
C TRP A 510 6.76 23.93 -19.79
N LYS A 511 6.23 24.94 -19.08
CA LYS A 511 5.32 25.89 -19.72
C LYS A 511 6.02 26.63 -20.86
N LEU A 512 7.24 27.11 -20.60
CA LEU A 512 7.98 27.82 -21.64
C LEU A 512 8.25 26.93 -22.83
N ALA A 513 8.64 25.68 -22.59
CA ALA A 513 8.91 24.76 -23.70
C ALA A 513 7.65 24.47 -24.49
N TRP A 514 6.52 24.28 -23.81
CA TRP A 514 5.27 24.02 -24.53
C TRP A 514 4.88 25.20 -25.40
N ALA A 515 4.96 26.41 -24.84
CA ALA A 515 4.61 27.60 -25.62
C ALA A 515 5.54 27.77 -26.82
N LEU A 516 6.83 27.51 -26.64
CA LEU A 516 7.76 27.66 -27.76
C LEU A 516 7.54 26.58 -28.81
N ARG A 517 7.19 25.37 -28.40
CA ARG A 517 6.91 24.32 -29.38
C ARG A 517 5.67 24.67 -30.20
N VAL A 518 4.64 25.21 -29.55
CA VAL A 518 3.48 25.68 -30.30
C VAL A 518 3.87 26.81 -31.24
N ALA A 519 4.68 27.75 -30.75
CA ALA A 519 5.13 28.85 -31.59
C ALA A 519 5.99 28.35 -32.74
N GLY A 520 6.84 27.37 -32.49
CA GLY A 520 7.69 26.84 -33.54
C GLY A 520 9.16 26.76 -33.19
N TYR A 521 9.49 26.89 -31.90
CA TYR A 521 10.86 26.84 -31.42
C TYR A 521 11.12 25.54 -30.69
N ASP A 522 12.27 24.94 -30.96
CA ASP A 522 12.71 23.74 -30.25
C ASP A 522 13.57 24.17 -29.07
N THR A 523 13.30 23.59 -27.90
CA THR A 523 13.91 24.02 -26.65
C THR A 523 14.82 22.93 -26.11
N HIS A 524 16.08 23.29 -25.84
CA HIS A 524 17.03 22.38 -25.23
C HIS A 524 17.15 22.66 -23.74
N PHE A 525 17.67 21.67 -23.01
CA PHE A 525 17.87 21.80 -21.58
C PHE A 525 18.91 20.77 -21.15
N LYS A 526 19.45 21.01 -19.95
CA LYS A 526 20.49 20.11 -19.38
C LYS A 526 20.16 19.83 -17.92
N VAL A 527 20.49 18.64 -17.42
CA VAL A 527 20.23 18.24 -16.03
C VAL A 527 18.76 18.43 -15.66
N THR A 535 17.73 16.24 -23.23
CA THR A 535 18.32 17.32 -24.01
C THR A 535 17.25 18.07 -24.83
N LYS A 536 16.22 17.35 -25.24
CA LYS A 536 15.11 17.94 -25.98
C LYS A 536 13.82 17.84 -25.17
N PHE A 537 12.96 18.83 -25.34
CA PHE A 537 11.58 18.73 -24.89
C PHE A 537 10.79 18.04 -26.00
N TYR A 538 10.44 16.78 -25.77
CA TYR A 538 9.75 16.00 -26.79
C TYR A 538 8.34 16.52 -27.02
N ALA A 539 7.95 16.59 -28.29
CA ALA A 539 6.59 16.96 -28.68
C ALA A 539 6.36 16.45 -30.09
N ASP A 540 5.49 15.46 -30.24
CA ASP A 540 5.26 14.84 -31.54
C ASP A 540 4.36 15.71 -32.41
N ASN A 541 4.63 15.71 -33.71
CA ASN A 541 3.77 16.39 -34.67
C ASN A 541 2.44 15.67 -34.78
N GLY A 542 1.44 16.41 -35.26
CA GLY A 542 0.07 15.93 -35.28
C GLY A 542 -0.66 16.09 -33.97
N ASP A 543 0.05 16.39 -32.90
CA ASP A 543 -0.54 16.72 -31.61
C ASP A 543 0.10 17.95 -30.99
N THR A 544 1.35 18.27 -31.34
CA THR A 544 2.13 19.42 -30.89
C THR A 544 1.95 19.71 -29.40
N TRP A 545 1.76 18.65 -28.62
CA TRP A 545 1.72 18.73 -27.17
C TRP A 545 3.03 18.19 -26.62
N THR A 546 3.69 18.96 -25.77
CA THR A 546 5.00 18.60 -25.27
C THR A 546 4.87 17.74 -24.03
N HIS A 547 5.37 16.51 -24.10
CA HIS A 547 5.39 15.64 -22.94
C HIS A 547 6.27 16.23 -21.85
N ILE A 548 5.90 15.95 -20.61
CA ILE A 548 6.75 16.37 -19.49
C ILE A 548 8.07 15.62 -19.58
N PRO A 549 9.21 16.29 -19.47
CA PRO A 549 10.49 15.59 -19.61
C PRO A 549 10.66 14.52 -18.55
N GLU A 550 11.26 13.40 -18.95
CA GLU A 550 11.45 12.28 -18.03
C GLU A 550 12.37 12.67 -16.88
N PHE A 551 13.46 13.37 -17.18
CA PHE A 551 14.46 13.69 -16.16
C PHE A 551 13.90 14.62 -15.10
N VAL A 552 13.13 15.62 -15.52
CA VAL A 552 12.53 16.55 -14.56
C VAL A 552 11.37 15.91 -13.79
N THR A 553 10.85 14.78 -14.27
CA THR A 553 9.72 14.14 -13.62
C THR A 553 10.06 13.70 -12.20
N ASP A 554 11.28 13.23 -11.97
CA ASP A 554 11.63 12.65 -10.68
C ASP A 554 12.01 13.73 -9.67
N GLY A 555 12.15 13.30 -8.41
CA GLY A 555 12.47 14.21 -7.33
C GLY A 555 13.94 14.61 -7.33
N ASP A 556 14.29 15.45 -6.35
CA ASP A 556 15.60 16.04 -6.15
C ASP A 556 15.98 17.01 -7.25
N VAL A 557 15.12 17.22 -8.24
CA VAL A 557 15.36 18.15 -9.33
C VAL A 557 14.31 19.25 -9.21
N MET A 558 14.75 20.46 -8.87
CA MET A 558 13.85 21.59 -8.73
C MET A 558 14.10 22.69 -9.75
N GLU A 559 15.30 22.76 -10.33
CA GLU A 559 15.65 23.78 -11.30
C GLU A 559 16.07 23.13 -12.61
N VAL A 560 15.69 23.74 -13.72
CA VAL A 560 16.06 23.26 -15.06
C VAL A 560 16.86 24.34 -15.76
N PHE A 561 17.99 23.94 -16.33
CA PHE A 561 18.83 24.85 -17.13
C PHE A 561 18.40 24.78 -18.59
N VAL A 562 17.92 25.89 -19.11
CA VAL A 562 17.45 26.00 -20.49
C VAL A 562 18.55 26.63 -21.33
N THR A 563 19.09 25.85 -22.27
CA THR A 563 20.12 26.30 -23.19
C THR A 563 19.56 26.20 -24.61
N ALA A 564 19.97 27.11 -25.48
CA ALA A 564 19.79 26.92 -26.91
C ALA A 564 18.33 26.81 -27.33
N ILE A 565 17.58 27.92 -27.28
CA ILE A 565 16.22 27.92 -27.79
C ILE A 565 16.32 28.09 -29.29
N GLU A 566 16.54 26.98 -30.00
CA GLU A 566 16.70 27.05 -31.44
C GLU A 566 15.35 27.01 -32.14
N ARG A 567 15.36 27.39 -33.41
CA ARG A 567 14.16 27.38 -34.24
C ARG A 567 14.04 26.02 -34.93
N ARG A 568 12.90 25.81 -35.57
CA ARG A 568 12.59 24.54 -36.21
C ARG A 568 12.52 24.73 -37.72
N ALA A 569 12.32 23.61 -38.43
CA ALA A 569 12.20 23.67 -39.88
C ALA A 569 11.00 24.50 -40.31
N ARG A 570 9.86 24.32 -39.64
CA ARG A 570 8.67 25.11 -39.89
C ARG A 570 8.38 25.97 -38.66
N HIS A 571 8.20 27.26 -38.89
CA HIS A 571 8.10 28.24 -37.82
C HIS A 571 6.88 29.13 -38.06
N PHE A 572 6.07 29.32 -37.01
CA PHE A 572 4.77 29.96 -37.16
C PHE A 572 4.70 31.32 -36.48
N VAL A 573 5.01 31.41 -35.20
CA VAL A 573 4.94 32.68 -34.46
C VAL A 573 6.34 33.01 -33.99
N GLU A 574 6.80 34.21 -34.31
CA GLU A 574 8.17 34.63 -34.02
C GLU A 574 8.19 35.38 -32.71
N LEU A 575 8.99 34.89 -31.77
CA LEU A 575 8.93 35.24 -30.36
C LEU A 575 10.29 35.74 -29.87
N PRO A 576 10.30 36.53 -28.79
CA PRO A 576 11.58 36.91 -28.19
C PRO A 576 12.31 35.72 -27.59
N ARG A 577 13.55 35.92 -27.16
CA ARG A 577 14.36 34.81 -26.69
C ARG A 577 13.81 34.20 -25.41
N LEU A 578 13.38 35.06 -24.47
CA LEU A 578 12.86 34.65 -23.16
C LEU A 578 13.93 33.93 -22.34
N ASN A 579 15.11 33.77 -22.91
CA ASN A 579 16.23 33.08 -22.29
C ASN A 579 17.30 34.02 -21.80
N SER A 580 17.57 35.10 -22.52
CA SER A 580 18.46 36.20 -22.23
C SER A 580 17.71 37.30 -21.47
N PRO A 581 18.33 37.88 -20.43
CA PRO A 581 17.62 38.92 -19.67
C PRO A 581 17.27 40.14 -20.50
N ALA A 582 18.03 40.43 -21.55
CA ALA A 582 17.77 41.64 -22.34
C ALA A 582 16.48 41.50 -23.14
N PHE A 583 16.24 40.33 -23.73
CA PHE A 583 15.15 40.14 -24.66
C PHE A 583 13.93 39.46 -24.06
N PHE A 584 13.92 39.23 -22.75
CA PHE A 584 12.78 38.54 -22.17
C PHE A 584 11.58 39.46 -22.13
N ARG A 585 10.43 38.94 -22.56
CA ARG A 585 9.19 39.69 -22.59
C ARG A 585 8.09 38.84 -21.99
N SER A 586 7.14 39.49 -21.33
CA SER A 586 6.06 38.80 -20.63
C SER A 586 5.06 38.27 -21.64
N VAL A 587 5.43 37.16 -22.29
CA VAL A 587 4.55 36.53 -23.27
C VAL A 587 3.40 35.85 -22.54
N GLU A 588 2.18 36.19 -22.94
CA GLU A 588 0.97 35.60 -22.39
C GLU A 588 0.28 34.83 -23.51
N VAL A 589 0.03 33.55 -23.29
CA VAL A 589 -0.52 32.69 -24.31
C VAL A 589 -1.97 32.38 -23.96
N SER A 590 -2.70 31.83 -24.93
CA SER A 590 -4.10 31.49 -24.73
C SER A 590 -4.50 30.49 -25.79
N THR A 591 -5.15 29.40 -25.37
CA THR A 591 -5.49 28.31 -26.27
C THR A 591 -6.97 28.00 -26.15
N THR A 592 -7.67 27.98 -27.28
CA THR A 592 -9.09 27.65 -27.33
C THR A 592 -9.35 26.68 -28.48
N ILE A 593 -10.21 25.70 -28.24
CA ILE A 593 -10.57 24.69 -29.23
C ILE A 593 -11.84 25.16 -29.94
N TYR A 594 -11.81 25.12 -31.27
CA TYR A 594 -12.90 25.67 -32.07
C TYR A 594 -13.82 24.61 -32.66
N ASP A 595 -13.29 23.61 -33.36
CA ASP A 595 -14.13 22.62 -34.02
C ASP A 595 -13.52 21.23 -33.89
N THR A 596 -14.33 20.27 -33.46
CA THR A 596 -13.95 18.87 -33.39
C THR A 596 -14.81 18.03 -34.33
N HIS A 597 -14.20 16.99 -34.90
CA HIS A 597 -14.94 16.06 -35.75
C HIS A 597 -14.25 14.70 -35.84
N VAL A 598 -14.78 13.71 -35.14
CA VAL A 598 -14.24 12.36 -35.29
C VAL A 598 -14.37 11.89 -36.73
N GLN A 599 -13.48 10.99 -37.13
CA GLN A 599 -13.47 10.47 -38.49
C GLN A 599 -12.99 9.02 -38.51
N ALA A 600 -13.94 8.09 -38.58
CA ALA A 600 -13.59 6.69 -38.69
C ALA A 600 -13.26 6.32 -40.13
N ALA A 608 -20.60 16.50 -35.15
CA ALA A 608 -21.34 16.70 -33.93
C ALA A 608 -22.49 15.70 -33.81
N SER A 609 -23.56 16.15 -33.13
CA SER A 609 -24.75 15.39 -32.75
C SER A 609 -25.27 15.96 -31.43
N ARG A 610 -25.22 17.28 -31.30
CA ARG A 610 -25.50 17.98 -30.05
C ARG A 610 -26.80 17.49 -29.40
N ILE A 611 -26.76 17.37 -28.08
CA ILE A 611 -27.93 17.00 -27.31
C ILE A 611 -28.57 18.26 -26.74
N ASN A 612 -29.82 18.14 -26.32
CA ASN A 612 -30.57 19.26 -25.75
C ASN A 612 -31.20 18.78 -24.45
N LEU A 613 -30.69 19.26 -23.33
CA LEU A 613 -31.14 18.79 -22.03
C LEU A 613 -32.63 19.05 -21.82
N ASP A 614 -33.13 20.17 -22.33
CA ASP A 614 -34.51 20.54 -22.11
C ASP A 614 -35.50 19.59 -22.78
N TYR A 615 -35.04 18.77 -23.73
CA TYR A 615 -35.92 17.83 -24.40
C TYR A 615 -35.78 16.40 -23.92
N VAL A 616 -34.72 16.08 -23.17
CA VAL A 616 -34.46 14.72 -22.72
C VAL A 616 -34.79 14.52 -21.25
N LYS A 617 -35.44 15.49 -20.61
CA LYS A 617 -35.84 15.40 -19.20
C LYS A 617 -36.69 14.15 -18.97
N PRO A 618 -36.48 13.44 -17.86
CA PRO A 618 -37.07 12.12 -17.68
C PRO A 618 -38.53 12.20 -17.20
N VAL A 619 -39.10 11.02 -16.96
CA VAL A 619 -40.48 10.89 -16.49
C VAL A 619 -40.45 10.90 -14.97
N SER A 620 -40.94 11.98 -14.37
CA SER A 620 -40.99 12.06 -12.92
C SER A 620 -42.23 11.39 -12.33
N THR A 621 -43.24 11.11 -13.15
CA THR A 621 -44.46 10.50 -12.63
C THR A 621 -44.28 9.00 -12.46
N GLY A 622 -44.96 8.45 -11.46
CA GLY A 622 -44.88 7.03 -11.18
C GLY A 622 -43.51 6.56 -10.73
N ILE A 623 -42.63 7.49 -10.35
CA ILE A 623 -41.28 7.16 -9.91
C ILE A 623 -40.99 7.98 -8.66
N GLN A 624 -40.47 7.32 -7.62
CA GLN A 624 -40.00 8.01 -6.42
C GLN A 624 -38.51 8.24 -6.56
N VAL A 625 -38.10 9.51 -6.52
CA VAL A 625 -36.72 9.91 -6.80
C VAL A 625 -36.09 10.42 -5.52
N ILE A 626 -34.90 9.91 -5.21
CA ILE A 626 -34.10 10.37 -4.07
C ILE A 626 -32.83 11.00 -4.62
N ASN A 627 -32.50 12.19 -4.14
CA ASN A 627 -31.27 12.84 -4.54
C ASN A 627 -30.05 12.19 -3.87
N ALA A 628 -30.17 11.85 -2.60
CA ALA A 628 -29.04 11.32 -1.84
C ALA A 628 -28.85 9.83 -2.10
N GLY A 629 -27.71 9.32 -1.64
CA GLY A 629 -27.39 7.91 -1.75
C GLY A 629 -26.73 7.42 -0.48
N GLU A 630 -26.40 6.13 -0.49
CA GLU A 630 -25.77 5.47 0.65
C GLU A 630 -24.33 5.12 0.30
N LEU A 631 -23.40 5.47 1.19
CA LEU A 631 -21.99 5.27 0.90
C LEU A 631 -21.63 3.79 0.79
N LYS A 632 -22.38 2.91 1.46
CA LYS A 632 -22.18 1.48 1.29
C LYS A 632 -22.40 1.07 -0.16
N ASN A 633 -23.54 1.47 -0.72
CA ASN A 633 -23.85 1.18 -2.12
C ASN A 633 -23.03 2.01 -3.09
N TYR A 634 -22.28 3.00 -2.59
CA TYR A 634 -21.35 3.80 -3.40
C TYR A 634 -22.09 4.70 -4.38
N TRP A 635 -23.13 5.37 -3.86
CA TRP A 635 -23.92 6.32 -4.63
C TRP A 635 -23.41 7.73 -4.31
N GLY A 636 -22.36 8.14 -5.03
CA GLY A 636 -21.80 9.46 -4.80
C GLY A 636 -20.79 9.89 -5.85
N SER A 637 -19.81 10.66 -5.41
CA SER A 637 -18.78 11.19 -6.31
C SER A 637 -17.52 11.48 -5.51
N VAL A 638 -16.41 11.63 -6.20
CA VAL A 638 -15.13 11.91 -5.58
C VAL A 638 -14.57 13.19 -6.20
N ARG A 639 -14.23 14.16 -5.35
CA ARG A 639 -13.72 15.44 -5.80
C ARG A 639 -12.32 15.68 -5.24
N ARG A 640 -11.45 16.23 -6.07
CA ARG A 640 -10.10 16.59 -5.65
C ARG A 640 -10.20 17.86 -4.81
N THR A 641 -10.25 17.68 -3.49
CA THR A 641 -10.21 18.81 -2.59
C THR A 641 -8.78 19.37 -2.55
N GLN A 642 -8.65 20.59 -2.01
CA GLN A 642 -7.32 21.16 -1.83
C GLN A 642 -6.47 20.28 -0.92
N GLN A 643 -7.05 19.83 0.19
CA GLN A 643 -6.35 18.99 1.16
C GLN A 643 -6.22 17.54 0.72
N GLY A 644 -6.89 17.14 -0.35
CA GLY A 644 -6.79 15.78 -0.88
C GLY A 644 -8.11 15.23 -1.37
N LEU A 645 -8.04 14.43 -2.43
CA LEU A 645 -9.25 13.88 -3.04
C LEU A 645 -9.88 12.84 -2.13
N GLY A 646 -11.21 12.82 -2.10
CA GLY A 646 -11.95 11.88 -1.28
C GLY A 646 -13.38 11.77 -1.74
N VAL A 647 -14.03 10.69 -1.29
CA VAL A 647 -15.41 10.42 -1.68
C VAL A 647 -16.35 11.30 -0.86
N VAL A 648 -17.37 11.84 -1.52
CA VAL A 648 -18.36 12.70 -0.89
C VAL A 648 -19.74 12.27 -1.32
N GLY A 649 -20.73 12.59 -0.49
CA GLY A 649 -22.10 12.22 -0.78
C GLY A 649 -22.76 13.18 -1.75
N LEU A 650 -23.86 12.70 -2.35
CA LEU A 650 -24.65 13.55 -3.23
C LEU A 650 -25.44 14.59 -2.45
N THR A 651 -25.88 14.24 -1.24
CA THR A 651 -26.71 15.10 -0.39
C THR A 651 -27.94 15.65 -1.12
N MET B 1 7.26 4.41 18.12
CA MET B 1 8.56 3.83 17.84
C MET B 1 9.47 4.86 17.18
N LEU B 2 8.91 5.63 16.25
CA LEU B 2 9.70 6.65 15.56
C LEU B 2 10.18 7.73 16.53
N ARG B 3 9.32 8.18 17.43
CA ARG B 3 9.72 9.20 18.39
C ARG B 3 10.85 8.70 19.28
N PHE B 4 10.80 7.42 19.64
CA PHE B 4 11.84 6.86 20.50
C PHE B 4 13.20 6.88 19.79
N VAL B 5 13.20 6.56 18.49
CA VAL B 5 14.45 6.61 17.73
C VAL B 5 14.93 8.04 17.57
N THR B 6 14.03 8.96 17.26
CA THR B 6 14.42 10.35 17.07
C THR B 6 14.62 11.08 18.40
N LYS B 7 14.47 10.39 19.53
CA LYS B 7 14.64 10.98 20.85
C LYS B 7 13.71 12.19 21.01
N ASN B 8 12.47 12.02 20.57
CA ASN B 8 11.49 13.10 20.51
C ASN B 8 12.04 14.26 19.68
N SER B 9 12.38 13.95 18.43
CA SER B 9 12.80 14.92 17.43
C SER B 9 14.09 15.64 17.84
N GLN B 10 15.19 14.88 17.85
CA GLN B 10 16.51 15.51 17.88
C GLN B 10 16.72 16.32 16.62
N ASP B 11 16.75 17.64 16.75
CA ASP B 11 16.76 18.60 15.64
C ASP B 11 15.85 18.13 14.50
N LYS B 12 14.71 17.55 14.88
CA LYS B 12 13.68 17.10 13.94
C LYS B 12 14.24 16.14 12.89
N SER B 13 15.15 15.25 13.31
CA SER B 13 15.77 14.32 12.38
C SER B 13 16.42 13.18 13.16
N SER B 14 16.89 12.18 12.43
CA SER B 14 17.62 11.03 12.98
C SER B 14 18.28 10.30 11.81
N ASP B 15 18.81 9.11 12.08
CA ASP B 15 19.52 8.33 11.07
C ASP B 15 19.11 6.87 11.18
N LEU B 16 19.12 6.17 10.05
CA LEU B 16 18.73 4.77 9.98
C LEU B 16 19.76 3.96 9.19
N PHE B 17 19.79 2.66 9.48
CA PHE B 17 20.64 1.73 8.78
C PHE B 17 19.81 0.56 8.30
N SER B 18 20.07 0.12 7.06
CA SER B 18 19.37 -1.03 6.52
C SER B 18 19.91 -2.32 7.12
N ILE B 19 19.11 -3.37 7.04
CA ILE B 19 19.52 -4.66 7.59
C ILE B 19 20.61 -5.25 6.71
N CYS B 20 21.72 -5.62 7.32
CA CYS B 20 22.82 -6.29 6.63
C CYS B 20 23.58 -7.12 7.65
N SER B 21 23.98 -8.32 7.25
CA SER B 21 24.61 -9.24 8.18
C SER B 21 25.24 -10.39 7.40
N ASP B 22 26.45 -10.77 7.80
CA ASP B 22 27.13 -11.91 7.22
C ASP B 22 27.23 -13.00 8.28
N ARG B 23 26.89 -14.23 7.88
CA ARG B 23 26.94 -15.39 8.77
C ARG B 23 26.15 -15.15 10.04
N GLY B 24 25.09 -14.35 9.95
CA GLY B 24 24.21 -14.08 11.06
C GLY B 24 24.64 -12.97 11.98
N THR B 25 25.72 -12.25 11.66
CA THR B 25 26.20 -11.20 12.54
C THR B 25 26.70 -10.03 11.70
N PHE B 26 26.80 -8.88 12.35
CA PHE B 26 27.28 -7.67 11.70
C PHE B 26 27.92 -6.74 12.72
N VAL B 27 29.02 -6.11 12.31
CA VAL B 27 29.72 -5.16 13.16
C VAL B 27 29.02 -3.81 13.04
N ALA B 28 29.29 -2.92 13.98
CA ALA B 28 28.64 -1.61 14.02
C ALA B 28 29.70 -0.59 14.40
N HIS B 29 30.39 -0.07 13.40
CA HIS B 29 31.59 0.73 13.63
C HIS B 29 31.23 2.12 14.14
N ASN B 30 32.22 2.79 14.70
CA ASN B 30 32.09 4.16 15.17
C ASN B 30 33.45 4.83 15.14
N ARG B 31 33.44 6.15 15.13
CA ARG B 31 34.67 6.93 15.25
C ARG B 31 34.40 8.11 16.16
N VAL B 32 35.19 8.22 17.23
CA VAL B 32 34.96 9.21 18.28
C VAL B 32 36.28 9.91 18.60
N ARG B 33 36.16 11.09 19.20
CA ARG B 33 37.31 11.86 19.64
C ARG B 33 37.17 12.18 21.11
N THR B 34 38.10 11.69 21.93
CA THR B 34 38.06 11.88 23.37
C THR B 34 39.06 12.95 23.76
N ASP B 35 38.60 13.95 24.50
CA ASP B 35 39.44 15.06 24.92
C ASP B 35 40.00 14.83 26.32
N PHE B 36 41.01 15.63 26.66
CA PHE B 36 41.62 15.59 27.98
C PHE B 36 42.09 17.01 28.29
N LYS B 37 41.38 17.68 29.18
CA LYS B 37 41.61 19.10 29.45
C LYS B 37 42.25 19.24 30.83
N PHE B 38 43.56 19.47 30.84
CA PHE B 38 44.27 19.79 32.06
C PHE B 38 45.38 20.78 31.73
N ASP B 39 45.80 21.54 32.73
CA ASP B 39 46.74 22.64 32.55
C ASP B 39 46.23 23.66 31.54
N ASN B 40 44.91 23.80 31.44
CA ASN B 40 44.25 24.75 30.55
C ASN B 40 44.63 24.55 29.09
N LEU B 41 44.92 23.31 28.70
CA LEU B 41 45.14 23.01 27.28
C LEU B 41 44.70 21.58 27.02
N VAL B 42 44.33 21.32 25.76
CA VAL B 42 43.46 20.21 25.42
C VAL B 42 44.24 19.19 24.60
N PHE B 43 44.21 17.94 25.04
CA PHE B 43 44.69 16.80 24.27
C PHE B 43 43.50 16.02 23.73
N ASN B 44 43.76 15.15 22.77
CA ASN B 44 42.66 14.36 22.22
C ASN B 44 43.20 13.08 21.61
N ARG B 45 42.32 12.08 21.51
CA ARG B 45 42.60 10.83 20.83
C ARG B 45 41.40 10.47 19.98
N VAL B 46 41.65 10.15 18.71
CA VAL B 46 40.62 9.75 17.77
C VAL B 46 40.78 8.26 17.52
N TYR B 47 39.79 7.47 17.92
CA TYR B 47 39.92 6.02 17.88
C TYR B 47 38.64 5.40 17.34
N GLY B 48 38.80 4.27 16.66
CA GLY B 48 37.67 3.54 16.14
C GLY B 48 37.15 2.50 17.11
N VAL B 49 35.92 2.65 17.55
CA VAL B 49 35.28 1.70 18.47
C VAL B 49 34.17 0.98 17.71
N SER B 50 34.23 -0.35 17.73
CA SER B 50 33.28 -1.19 17.02
C SER B 50 32.42 -1.96 18.01
N GLN B 51 31.33 -2.53 17.49
CA GLN B 51 30.38 -3.26 18.31
C GLN B 51 29.74 -4.34 17.44
N LYS B 52 29.74 -5.58 17.94
CA LYS B 52 29.25 -6.72 17.17
C LYS B 52 27.83 -7.07 17.60
N PHE B 53 26.95 -7.21 16.63
CA PHE B 53 25.57 -7.61 16.85
C PHE B 53 25.30 -8.90 16.09
N THR B 54 24.44 -9.75 16.63
CA THR B 54 24.11 -11.02 15.99
C THR B 54 22.61 -11.17 15.86
N LEU B 55 22.16 -11.68 14.72
CA LEU B 55 20.75 -11.95 14.48
C LEU B 55 20.33 -13.33 14.97
N VAL B 56 21.26 -14.12 15.50
CA VAL B 56 20.97 -15.49 15.88
C VAL B 56 20.18 -15.50 17.18
N GLY B 57 19.13 -16.31 17.22
CA GLY B 57 18.33 -16.45 18.42
C GLY B 57 17.39 -17.62 18.28
N ASN B 58 16.92 -18.10 19.43
CA ASN B 58 15.94 -19.18 19.50
C ASN B 58 14.87 -18.84 20.52
N PRO B 59 14.03 -17.85 20.23
CA PRO B 59 12.96 -17.51 21.17
C PRO B 59 11.88 -18.58 21.21
N THR B 60 11.16 -18.62 22.32
CA THR B 60 10.05 -19.54 22.50
C THR B 60 8.75 -18.83 22.17
N VAL B 61 8.00 -19.38 21.21
CA VAL B 61 6.79 -18.76 20.71
C VAL B 61 5.59 -19.36 21.43
N CYS B 62 4.53 -18.56 21.54
CA CYS B 62 3.32 -19.01 22.22
C CYS B 62 2.13 -18.42 21.46
N PHE B 63 1.57 -19.19 20.54
CA PHE B 63 0.43 -18.74 19.75
C PHE B 63 -0.88 -19.04 20.49
N ASN B 64 -1.00 -18.46 21.67
CA ASN B 64 -2.15 -18.74 22.52
C ASN B 64 -3.30 -17.80 22.17
N GLU B 65 -4.40 -17.95 22.89
CA GLU B 65 -5.58 -17.13 22.63
C GLU B 65 -5.33 -15.69 23.03
N GLY B 66 -5.93 -14.76 22.29
CA GLY B 66 -5.80 -13.35 22.57
C GLY B 66 -7.12 -12.64 22.37
N SER B 67 -7.17 -11.39 22.83
CA SER B 67 -8.37 -10.60 22.69
C SER B 67 -8.55 -10.16 21.24
N SER B 68 -9.72 -9.59 20.97
CA SER B 68 -10.07 -9.10 19.64
C SER B 68 -10.09 -7.57 19.64
N TYR B 69 -9.75 -6.99 18.50
CA TYR B 69 -9.73 -5.54 18.31
C TYR B 69 -10.32 -5.18 16.96
N LEU B 70 -11.19 -4.16 16.97
CA LEU B 70 -11.94 -3.76 15.79
C LEU B 70 -11.67 -2.31 15.42
N GLU B 71 -10.40 -1.91 15.44
CA GLU B 71 -10.11 -0.49 15.31
C GLU B 71 -10.30 0.00 13.88
N GLY B 72 -9.89 -0.78 12.89
CA GLY B 72 -10.02 -0.36 11.52
C GLY B 72 -11.36 -0.69 10.90
N ILE B 73 -12.42 -0.47 11.66
CA ILE B 73 -13.79 -0.66 11.19
C ILE B 73 -14.44 0.71 11.08
N ALA B 74 -15.46 0.81 10.25
CA ALA B 74 -16.08 2.10 9.96
C ALA B 74 -16.57 2.76 11.24
N LYS B 75 -16.55 4.10 11.24
CA LYS B 75 -16.87 4.87 12.44
C LYS B 75 -18.30 4.64 12.92
N LYS B 76 -19.20 4.22 12.04
CA LYS B 76 -20.60 4.10 12.44
C LYS B 76 -20.92 2.76 13.10
N TYR B 77 -19.99 1.80 13.07
CA TYR B 77 -20.16 0.53 13.77
C TYR B 77 -19.29 0.41 15.01
N LEU B 78 -18.19 1.16 15.08
CA LEU B 78 -17.40 1.26 16.30
C LEU B 78 -17.73 2.58 17.01
N THR B 79 -17.28 2.69 18.24
CA THR B 79 -17.48 3.90 19.03
C THR B 79 -16.48 3.91 20.17
N LEU B 80 -16.03 5.11 20.55
CA LEU B 80 -15.05 5.23 21.62
C LEU B 80 -15.57 4.64 22.93
N ASP B 81 -16.81 4.94 23.28
CA ASP B 81 -17.43 4.45 24.50
C ASP B 81 -18.56 3.47 24.25
N GLY B 82 -19.37 3.70 23.22
CA GLY B 82 -20.45 2.77 22.90
C GLY B 82 -19.96 1.47 22.30
N GLY B 83 -18.71 1.44 21.82
CA GLY B 83 -18.12 0.21 21.33
C GLY B 83 -18.80 -0.31 20.09
N LEU B 84 -18.70 -1.62 19.90
CA LEU B 84 -19.25 -2.25 18.71
C LEU B 84 -20.77 -2.19 18.72
N ALA B 85 -21.34 -1.64 17.66
CA ALA B 85 -22.79 -1.54 17.52
C ALA B 85 -23.28 -2.76 16.75
N ILE B 86 -23.84 -3.72 17.47
CA ILE B 86 -24.32 -4.97 16.80
C ILE B 86 -25.69 -4.69 16.17
N ASP B 87 -26.42 -3.70 16.67
CA ASP B 87 -27.68 -3.34 16.03
C ASP B 87 -27.46 -2.77 14.64
N ASN B 88 -26.45 -1.92 14.49
CA ASN B 88 -26.20 -1.31 13.19
C ASN B 88 -25.76 -2.33 12.16
N VAL B 89 -24.93 -3.30 12.54
CA VAL B 89 -24.49 -4.29 11.56
C VAL B 89 -25.61 -5.26 11.23
N LEU B 90 -26.47 -5.57 12.18
CA LEU B 90 -27.63 -6.40 11.86
C LEU B 90 -28.59 -5.67 10.91
N ASN B 91 -28.87 -4.40 11.16
CA ASN B 91 -29.69 -3.63 10.22
C ASN B 91 -29.07 -3.63 8.84
N GLU B 92 -27.80 -3.24 8.74
CA GLU B 92 -27.13 -3.21 7.43
C GLU B 92 -26.80 -4.59 6.88
N LEU B 93 -27.17 -5.68 7.56
CA LEU B 93 -26.83 -7.01 7.07
C LEU B 93 -27.57 -7.38 5.79
N ARG B 94 -28.88 -7.16 5.73
CA ARG B 94 -29.72 -7.55 4.60
C ARG B 94 -29.42 -8.96 4.11
N VAL B 104 -34.31 -14.01 10.87
CA VAL B 104 -33.99 -12.96 9.91
C VAL B 104 -32.57 -12.47 10.20
N ALA B 105 -32.45 -11.38 10.96
CA ALA B 105 -31.16 -10.93 11.48
C ALA B 105 -30.51 -12.01 12.33
N SER B 106 -31.23 -12.46 13.35
CA SER B 106 -30.78 -13.55 14.22
C SER B 106 -30.42 -14.79 13.40
N HIS B 107 -31.16 -15.01 12.32
CA HIS B 107 -30.84 -16.12 11.42
C HIS B 107 -29.44 -16.02 10.83
N ALA B 108 -28.86 -14.82 10.81
CA ALA B 108 -27.46 -14.66 10.46
C ALA B 108 -26.55 -14.59 11.68
N TYR B 109 -27.05 -14.01 12.78
CA TYR B 109 -26.36 -14.06 14.06
C TYR B 109 -25.86 -15.46 14.40
N ASN B 110 -26.79 -16.41 14.48
CA ASN B 110 -26.45 -17.76 14.90
C ASN B 110 -25.36 -18.38 14.01
N ILE B 111 -25.28 -17.99 12.75
CA ILE B 111 -24.27 -18.57 11.87
C ILE B 111 -22.87 -18.10 12.24
N THR B 112 -22.60 -16.81 12.06
CA THR B 112 -21.22 -16.32 12.19
C THR B 112 -21.11 -15.03 12.99
N SER B 113 -22.20 -14.32 13.19
CA SER B 113 -22.14 -12.96 13.71
C SER B 113 -21.82 -12.91 15.20
N TRP B 114 -21.48 -14.05 15.80
CA TRP B 114 -21.25 -14.14 17.23
C TRP B 114 -19.79 -14.01 17.63
N ARG B 115 -18.85 -14.53 16.83
CA ARG B 115 -17.45 -14.58 17.24
C ARG B 115 -16.82 -13.21 17.46
N TRP B 116 -16.69 -12.43 16.37
CA TRP B 116 -16.04 -11.10 16.44
C TRP B 116 -14.61 -11.23 16.94
N TYR B 117 -13.78 -11.97 16.21
CA TYR B 117 -12.39 -12.22 16.61
C TYR B 117 -11.38 -11.64 15.63
N ASP B 118 -11.49 -10.35 15.36
CA ASP B 118 -10.57 -9.71 14.42
C ASP B 118 -9.20 -9.49 15.06
N ASN B 119 -8.18 -10.16 14.53
CA ASN B 119 -6.79 -9.94 14.95
C ASN B 119 -5.87 -10.54 13.91
N HIS B 120 -5.06 -9.71 13.23
CA HIS B 120 -4.15 -10.19 12.20
C HIS B 120 -2.67 -10.03 12.58
N VAL B 121 -2.36 -9.95 13.87
CA VAL B 121 -1.00 -9.60 14.26
C VAL B 121 0.00 -10.64 13.78
N ALA B 122 -0.36 -11.92 13.89
CA ALA B 122 0.55 -12.99 13.47
C ALA B 122 0.83 -12.92 11.97
N LEU B 123 -0.20 -12.65 11.17
CA LEU B 123 -0.01 -12.55 9.72
C LEU B 123 0.90 -11.39 9.35
N LEU B 124 0.69 -10.23 9.98
CA LEU B 124 1.54 -9.07 9.69
C LEU B 124 2.98 -9.36 10.09
N MET B 125 3.17 -9.99 11.25
CA MET B 125 4.53 -10.34 11.66
C MET B 125 5.18 -11.32 10.68
N ASN B 126 4.40 -12.30 10.20
CA ASN B 126 4.93 -13.23 9.21
C ASN B 126 5.36 -12.52 7.94
N MET B 127 4.53 -11.60 7.45
CA MET B 127 4.89 -10.87 6.23
C MET B 127 6.13 -10.01 6.46
N LEU B 128 6.25 -9.40 7.65
CA LEU B 128 7.42 -8.57 7.93
C LEU B 128 8.70 -9.40 8.00
N ARG B 129 8.66 -10.52 8.70
CA ARG B 129 9.88 -11.35 8.78
C ARG B 129 10.24 -11.91 7.42
N ALA B 130 9.24 -12.26 6.60
CA ALA B 130 9.54 -12.70 5.25
C ALA B 130 10.17 -11.59 4.42
N TYR B 131 9.67 -10.36 4.56
CA TYR B 131 10.29 -9.24 3.87
C TYR B 131 11.75 -9.08 4.28
N HIS B 132 12.03 -9.17 5.57
CA HIS B 132 13.41 -9.02 6.05
C HIS B 132 14.30 -10.15 5.51
N LEU B 133 13.79 -11.38 5.54
CA LEU B 133 14.57 -12.52 5.08
C LEU B 133 14.86 -12.41 3.58
N GLN B 134 13.88 -11.96 2.81
CA GLN B 134 14.10 -11.79 1.38
C GLN B 134 15.06 -10.64 1.10
N VAL B 135 15.03 -9.58 1.91
CA VAL B 135 16.01 -8.51 1.77
C VAL B 135 17.40 -9.08 1.95
N LEU B 136 17.60 -9.87 3.01
CA LEU B 136 18.89 -10.50 3.22
C LEU B 136 19.24 -11.44 2.08
N THR B 137 18.24 -12.11 1.50
CA THR B 137 18.49 -13.04 0.41
C THR B 137 19.00 -12.31 -0.83
N GLU B 138 18.32 -11.25 -1.24
CA GLU B 138 18.76 -10.55 -2.44
C GLU B 138 19.98 -9.68 -2.19
N GLN B 139 20.32 -9.39 -0.95
CA GLN B 139 21.59 -8.73 -0.67
C GLN B 139 22.77 -9.69 -0.69
N GLY B 140 22.52 -10.96 -1.02
CA GLY B 140 23.57 -11.98 -1.03
C GLY B 140 24.14 -12.26 0.34
N GLN B 141 23.31 -12.18 1.38
CA GLN B 141 23.78 -12.38 2.74
C GLN B 141 22.89 -13.29 3.56
N TYR B 142 21.89 -13.93 2.95
CA TYR B 142 21.05 -14.88 3.67
C TYR B 142 21.81 -16.19 3.83
N SER B 143 21.96 -16.64 5.07
CA SER B 143 22.63 -17.89 5.35
C SER B 143 22.26 -18.33 6.76
N ALA B 144 22.65 -19.55 7.11
CA ALA B 144 22.44 -20.04 8.46
C ALA B 144 23.28 -19.24 9.45
N GLY B 145 22.73 -19.05 10.64
CA GLY B 145 23.39 -18.24 11.63
C GLY B 145 24.64 -18.89 12.19
N ASP B 146 25.47 -18.06 12.83
CA ASP B 146 26.71 -18.53 13.43
C ASP B 146 27.09 -17.49 14.49
N ILE B 147 27.05 -17.89 15.76
CA ILE B 147 27.42 -16.99 16.86
C ILE B 147 28.95 -16.90 16.91
N PRO B 148 29.52 -15.71 17.03
CA PRO B 148 30.98 -15.59 17.04
C PRO B 148 31.61 -16.20 18.28
N MET B 149 32.89 -16.49 18.15
CA MET B 149 33.71 -17.07 19.21
C MET B 149 34.52 -15.98 19.90
N TYR B 150 34.96 -16.26 21.13
CA TYR B 150 35.67 -15.28 21.96
C TYR B 150 37.11 -15.75 22.12
N HIS B 151 37.99 -15.26 21.24
CA HIS B 151 39.42 -15.54 21.31
C HIS B 151 40.12 -14.37 22.00
N ASP B 152 40.70 -14.61 23.18
CA ASP B 152 41.42 -13.56 23.88
C ASP B 152 42.72 -14.04 24.50
N GLY B 153 43.28 -15.15 24.04
CA GLY B 153 44.48 -15.70 24.68
C GLY B 153 44.19 -16.41 25.98
N HIS B 154 43.41 -15.77 26.86
CA HIS B 154 42.88 -16.43 28.04
C HIS B 154 41.65 -17.24 27.68
N VAL B 155 40.88 -17.63 28.69
CA VAL B 155 39.73 -18.51 28.55
C VAL B 155 38.90 -18.13 27.33
N LYS B 156 38.53 -19.14 26.55
CA LYS B 156 37.88 -18.97 25.25
C LYS B 156 36.49 -19.58 25.27
N ILE B 157 35.55 -18.95 24.57
CA ILE B 157 34.16 -19.38 24.55
C ILE B 157 33.75 -19.67 23.11
N LYS B 158 33.10 -20.81 22.91
CA LYS B 158 32.50 -21.17 21.63
C LYS B 158 31.14 -21.82 21.88
N LEU B 159 30.12 -21.36 21.16
CA LEU B 159 28.75 -21.83 21.31
C LEU B 159 28.30 -22.60 20.08
N PRO B 160 27.39 -23.56 20.24
CA PRO B 160 26.91 -24.32 19.09
C PRO B 160 25.71 -23.67 18.43
N VAL B 161 25.42 -24.16 17.23
CA VAL B 161 24.26 -23.72 16.45
C VAL B 161 23.47 -24.95 16.04
N THR B 162 22.15 -24.80 15.98
CA THR B 162 21.29 -25.94 15.69
C THR B 162 21.43 -26.39 14.24
N ILE B 163 21.63 -25.46 13.32
CA ILE B 163 21.81 -25.76 11.90
C ILE B 163 23.19 -25.26 11.47
N ASP B 164 23.94 -26.11 10.76
CA ASP B 164 25.27 -25.73 10.33
C ASP B 164 25.20 -24.61 9.30
N ASP B 165 26.15 -23.68 9.38
CA ASP B 165 26.17 -22.55 8.46
C ASP B 165 26.46 -22.98 7.03
N THR B 166 27.53 -23.76 6.84
CA THR B 166 27.99 -24.05 5.48
C THR B 166 27.00 -24.94 4.74
N ALA B 167 26.43 -25.94 5.43
CA ALA B 167 25.34 -26.71 4.83
C ALA B 167 24.05 -25.90 4.77
N GLY B 168 23.96 -24.81 5.53
CA GLY B 168 22.77 -24.01 5.58
C GLY B 168 22.40 -23.39 4.25
N PRO B 169 21.10 -23.21 4.03
CA PRO B 169 20.64 -22.67 2.74
C PRO B 169 21.12 -21.24 2.52
N THR B 170 21.42 -20.93 1.26
CA THR B 170 21.81 -19.59 0.85
C THR B 170 20.67 -18.79 0.25
N GLN B 171 19.50 -19.39 0.10
CA GLN B 171 18.36 -18.77 -0.58
C GLN B 171 17.13 -18.92 0.29
N PHE B 172 16.31 -17.86 0.36
CA PHE B 172 15.08 -17.91 1.14
C PHE B 172 14.01 -18.60 0.32
N ALA B 173 13.85 -19.89 0.53
CA ALA B 173 12.75 -20.62 -0.07
C ALA B 173 11.48 -20.40 0.75
N TRP B 174 10.37 -20.97 0.28
CA TRP B 174 9.13 -20.85 1.02
C TRP B 174 9.27 -21.48 2.40
N PRO B 175 8.65 -20.90 3.43
CA PRO B 175 8.75 -21.48 4.77
C PRO B 175 8.29 -22.93 4.82
N SER B 176 7.07 -23.20 4.37
CA SER B 176 6.57 -24.56 4.39
C SER B 176 7.32 -25.43 3.39
N ASP B 177 7.29 -26.74 3.64
CA ASP B 177 7.93 -27.72 2.78
C ASP B 177 6.84 -28.47 2.02
N ARG B 178 6.96 -28.50 0.69
CA ARG B 178 5.97 -29.19 -0.11
C ARG B 178 6.07 -30.69 0.10
N SER B 179 4.91 -31.36 0.08
CA SER B 179 4.81 -32.81 0.20
C SER B 179 5.30 -33.32 1.56
N THR B 180 5.21 -32.49 2.59
CA THR B 180 5.49 -32.96 3.94
C THR B 180 4.40 -32.61 4.94
N ASP B 181 3.78 -31.43 4.80
CA ASP B 181 2.77 -30.98 5.74
C ASP B 181 1.56 -30.45 4.99
N SER B 182 0.43 -30.42 5.70
CA SER B 182 -0.82 -29.93 5.14
C SER B 182 -0.83 -28.41 5.12
N TYR B 183 -1.84 -27.85 4.45
CA TYR B 183 -2.01 -26.42 4.31
C TYR B 183 -3.43 -26.04 4.68
N PRO B 184 -3.67 -24.79 5.08
CA PRO B 184 -5.03 -24.34 5.30
C PRO B 184 -5.85 -24.46 4.02
N ASP B 185 -7.12 -24.79 4.16
CA ASP B 185 -8.01 -24.88 3.00
C ASP B 185 -8.57 -23.49 2.72
N TRP B 186 -8.28 -22.96 1.54
CA TRP B 186 -8.69 -21.62 1.16
C TRP B 186 -9.43 -21.68 -0.16
N ALA B 187 -10.35 -20.74 -0.35
CA ALA B 187 -11.07 -20.59 -1.60
C ALA B 187 -11.65 -19.20 -1.65
N GLN B 188 -11.65 -18.59 -2.85
CA GLN B 188 -12.16 -17.23 -2.96
C GLN B 188 -13.62 -17.19 -2.58
N PHE B 189 -14.03 -16.09 -1.96
CA PHE B 189 -15.39 -15.94 -1.45
C PHE B 189 -15.82 -14.50 -1.67
N SER B 190 -16.89 -14.31 -2.44
CA SER B 190 -17.40 -12.98 -2.74
C SER B 190 -18.84 -12.81 -2.30
N GLU B 191 -19.40 -13.78 -1.59
CA GLU B 191 -20.79 -13.72 -1.17
C GLU B 191 -20.97 -12.62 -0.12
N SER B 192 -22.08 -11.88 -0.25
CA SER B 192 -22.40 -10.88 0.76
C SER B 192 -22.74 -11.53 2.10
N PHE B 193 -23.38 -12.70 2.07
CA PHE B 193 -23.84 -13.37 3.27
C PHE B 193 -22.83 -14.44 3.67
N PRO B 194 -22.14 -14.30 4.80
CA PRO B 194 -21.21 -15.36 5.23
C PRO B 194 -21.93 -16.66 5.49
N SER B 195 -21.24 -17.77 5.20
CA SER B 195 -21.82 -19.10 5.30
C SER B 195 -21.27 -19.94 6.44
N ILE B 196 -19.96 -19.84 6.71
CA ILE B 196 -19.30 -20.65 7.72
C ILE B 196 -18.52 -19.74 8.65
N ASP B 197 -18.60 -20.00 9.95
CA ASP B 197 -17.85 -19.22 10.93
C ASP B 197 -16.37 -19.57 10.79
N VAL B 198 -15.62 -18.67 10.16
CA VAL B 198 -14.25 -18.95 9.75
C VAL B 198 -13.64 -17.60 9.39
N PRO B 199 -12.36 -17.35 9.68
CA PRO B 199 -11.79 -16.03 9.37
C PRO B 199 -11.90 -15.69 7.90
N TYR B 200 -12.42 -14.50 7.63
CA TYR B 200 -12.59 -13.98 6.28
C TYR B 200 -11.76 -12.71 6.18
N LEU B 201 -10.70 -12.75 5.36
CA LEU B 201 -9.79 -11.63 5.22
C LEU B 201 -9.91 -11.06 3.81
N ASP B 202 -9.95 -9.73 3.72
CA ASP B 202 -10.26 -9.04 2.48
C ASP B 202 -8.94 -8.64 1.83
N VAL B 203 -8.71 -9.14 0.61
CA VAL B 203 -7.49 -8.87 -0.12
C VAL B 203 -7.83 -8.38 -1.52
N ARG B 204 -8.96 -7.67 -1.65
CA ARG B 204 -9.47 -7.32 -2.98
C ARG B 204 -8.48 -6.55 -3.83
N PRO B 205 -7.84 -5.46 -3.36
CA PRO B 205 -7.01 -4.66 -4.26
C PRO B 205 -5.60 -5.17 -4.47
N LEU B 206 -5.27 -6.38 -4.02
CA LEU B 206 -3.94 -6.92 -4.18
C LEU B 206 -3.79 -7.57 -5.54
N THR B 207 -2.58 -7.51 -6.09
CA THR B 207 -2.29 -8.18 -7.35
C THR B 207 -2.31 -9.70 -7.15
N VAL B 208 -2.13 -10.43 -8.25
CA VAL B 208 -2.13 -11.88 -8.18
C VAL B 208 -0.96 -12.38 -7.34
N THR B 209 0.21 -11.79 -7.51
CA THR B 209 1.38 -12.26 -6.77
C THR B 209 1.32 -11.85 -5.31
N GLU B 210 0.81 -10.66 -5.00
CA GLU B 210 0.75 -10.24 -3.61
C GLU B 210 -0.29 -11.03 -2.82
N VAL B 211 -1.47 -11.26 -3.41
CA VAL B 211 -2.45 -12.10 -2.74
C VAL B 211 -1.95 -13.53 -2.64
N ASN B 212 -1.20 -13.99 -3.66
CA ASN B 212 -0.60 -15.31 -3.60
C ASN B 212 0.39 -15.42 -2.45
N PHE B 213 1.22 -14.39 -2.27
CA PHE B 213 2.19 -14.36 -1.19
C PHE B 213 1.50 -14.32 0.17
N VAL B 214 0.42 -13.53 0.28
CA VAL B 214 -0.31 -13.44 1.54
C VAL B 214 -0.90 -14.80 1.92
N LEU B 215 -1.61 -15.43 0.98
CA LEU B 215 -2.25 -16.70 1.31
C LEU B 215 -1.24 -17.82 1.47
N MET B 216 -0.06 -17.70 0.86
CA MET B 216 0.98 -18.70 1.10
C MET B 216 1.61 -18.52 2.46
N MET B 217 1.79 -17.27 2.89
CA MET B 217 2.27 -17.01 4.24
C MET B 217 1.21 -17.28 5.30
N MET B 218 -0.04 -17.49 4.88
CA MET B 218 -1.05 -17.99 5.80
C MET B 218 -0.72 -19.40 6.29
N SER B 219 0.10 -20.13 5.56
CA SER B 219 0.44 -21.50 5.93
C SER B 219 1.41 -21.48 7.12
N LYS B 220 1.96 -22.65 7.43
CA LYS B 220 2.81 -22.77 8.60
C LYS B 220 4.28 -22.63 8.20
N TRP B 221 5.10 -22.26 9.18
CA TRP B 221 6.46 -21.79 8.95
C TRP B 221 7.46 -22.81 9.46
N HIS B 222 8.33 -23.29 8.56
CA HIS B 222 9.44 -24.15 8.94
C HIS B 222 10.69 -23.30 9.14
N ARG B 223 11.42 -23.58 10.21
CA ARG B 223 12.67 -22.88 10.47
C ARG B 223 13.80 -23.57 9.73
N ARG B 224 14.50 -22.82 8.88
CA ARG B 224 15.63 -23.32 8.12
C ARG B 224 16.92 -22.59 8.46
N THR B 225 16.95 -21.79 9.53
CA THR B 225 18.11 -21.01 9.88
C THR B 225 18.09 -20.71 11.37
N ASN B 226 19.23 -20.28 11.89
CA ASN B 226 19.35 -19.98 13.31
C ASN B 226 18.91 -18.56 13.66
N LEU B 227 18.50 -17.77 12.68
CA LEU B 227 18.18 -16.37 12.94
C LEU B 227 16.97 -16.24 13.85
N ALA B 228 16.90 -15.11 14.56
CA ALA B 228 15.87 -14.93 15.57
C ALA B 228 14.50 -14.63 14.98
N ILE B 229 14.45 -14.16 13.72
CA ILE B 229 13.19 -13.84 13.08
C ILE B 229 12.65 -14.97 12.23
N ASP B 230 13.34 -16.11 12.20
CA ASP B 230 12.86 -17.31 11.51
C ASP B 230 12.22 -18.30 12.49
N TYR B 231 11.52 -17.81 13.51
CA TYR B 231 10.98 -18.68 14.53
C TYR B 231 9.87 -19.56 13.97
N GLU B 232 9.65 -20.70 14.62
CA GLU B 232 8.60 -21.62 14.20
C GLU B 232 7.22 -21.00 14.37
N ALA B 233 6.33 -21.32 13.45
CA ALA B 233 4.96 -20.82 13.48
C ALA B 233 4.03 -21.80 12.77
N PRO B 234 3.03 -22.34 13.46
CA PRO B 234 2.04 -23.17 12.76
C PRO B 234 1.14 -22.34 11.86
N GLN B 235 0.28 -23.01 11.09
CA GLN B 235 -0.60 -22.29 10.20
C GLN B 235 -1.60 -21.47 11.00
N LEU B 236 -1.78 -20.21 10.58
CA LEU B 236 -2.55 -19.26 11.38
C LEU B 236 -4.00 -19.69 11.52
N ALA B 237 -4.60 -20.17 10.44
CA ALA B 237 -5.98 -20.63 10.46
C ALA B 237 -6.06 -21.96 9.75
N ASP B 238 -6.81 -22.90 10.34
CA ASP B 238 -6.99 -24.21 9.73
C ASP B 238 -7.73 -24.11 8.42
N LYS B 239 -8.79 -23.30 8.39
CA LYS B 239 -9.54 -23.01 7.17
C LYS B 239 -9.84 -21.52 7.14
N PHE B 240 -10.03 -21.00 5.93
CA PHE B 240 -10.35 -19.58 5.75
C PHE B 240 -10.69 -19.34 4.29
N ALA B 241 -11.28 -18.17 4.03
CA ALA B 241 -11.61 -17.75 2.67
C ALA B 241 -11.33 -16.26 2.53
N TYR B 242 -10.86 -15.88 1.34
CA TYR B 242 -10.42 -14.52 1.08
C TYR B 242 -11.34 -13.83 0.07
N ARG B 243 -11.62 -12.55 0.33
CA ARG B 243 -12.47 -11.73 -0.54
C ARG B 243 -11.60 -11.20 -1.67
N HIS B 244 -11.67 -11.85 -2.83
CA HIS B 244 -10.93 -11.40 -4.00
C HIS B 244 -11.75 -11.65 -5.25
N ALA B 245 -11.66 -10.73 -6.21
CA ALA B 245 -12.43 -10.86 -7.44
C ALA B 245 -11.96 -12.06 -8.26
N LEU B 246 -10.65 -12.29 -8.30
CA LEU B 246 -10.06 -13.34 -9.12
C LEU B 246 -9.65 -14.51 -8.24
N THR B 247 -9.99 -15.73 -8.68
CA THR B 247 -9.62 -16.92 -7.94
C THR B 247 -8.16 -17.25 -8.23
N VAL B 248 -7.34 -17.24 -7.18
CA VAL B 248 -5.91 -17.48 -7.31
C VAL B 248 -5.61 -18.89 -6.83
N GLN B 249 -4.91 -19.66 -7.66
CA GLN B 249 -4.56 -21.03 -7.29
C GLN B 249 -3.12 -21.38 -7.63
N ASP B 250 -2.27 -20.40 -7.92
CA ASP B 250 -0.85 -20.70 -8.16
C ASP B 250 -0.22 -21.37 -6.95
N ALA B 251 -0.54 -20.89 -5.75
CA ALA B 251 -0.09 -21.56 -4.54
C ALA B 251 -0.68 -22.96 -4.45
N ASP B 252 -1.95 -23.11 -4.81
CA ASP B 252 -2.56 -24.45 -4.80
C ASP B 252 -1.87 -25.36 -5.81
N GLU B 253 -1.55 -24.86 -7.00
CA GLU B 253 -0.83 -25.67 -7.97
C GLU B 253 0.53 -26.08 -7.45
N TRP B 254 1.20 -25.20 -6.71
CA TRP B 254 2.48 -25.56 -6.11
C TRP B 254 2.32 -26.52 -4.94
N ILE B 255 1.15 -26.55 -4.29
CA ILE B 255 0.93 -27.50 -3.21
C ILE B 255 1.05 -28.93 -3.73
N GLU B 256 0.42 -29.19 -4.87
CA GLU B 256 0.59 -30.46 -5.57
C GLU B 256 1.82 -30.35 -6.46
N GLY B 257 2.02 -31.34 -7.33
CA GLY B 257 3.18 -31.31 -8.21
C GLY B 257 2.99 -30.52 -9.48
N ASP B 258 1.85 -29.85 -9.65
CA ASP B 258 1.57 -29.17 -10.90
C ASP B 258 2.56 -28.05 -11.18
N ARG B 259 2.90 -27.26 -10.16
CA ARG B 259 3.83 -26.16 -10.29
C ARG B 259 5.15 -26.55 -9.62
N THR B 260 6.26 -26.32 -10.31
CA THR B 260 7.56 -26.72 -9.82
C THR B 260 8.12 -25.64 -8.89
N ASP B 261 9.25 -25.95 -8.26
CA ASP B 261 9.88 -24.99 -7.35
C ASP B 261 10.39 -23.76 -8.10
N ASP B 262 10.86 -23.95 -9.34
CA ASP B 262 11.42 -22.83 -10.09
C ASP B 262 10.37 -21.76 -10.36
N GLN B 263 9.15 -22.17 -10.71
CA GLN B 263 8.13 -21.23 -11.14
C GLN B 263 7.36 -20.58 -9.99
N PHE B 264 7.59 -21.01 -8.75
CA PHE B 264 6.92 -20.39 -7.60
C PHE B 264 7.93 -19.90 -6.58
N ARG B 265 9.02 -19.28 -7.06
CA ARG B 265 9.98 -18.67 -6.16
C ARG B 265 9.31 -17.51 -5.41
N PRO B 266 9.72 -17.28 -4.16
CA PRO B 266 9.13 -16.17 -3.40
C PRO B 266 9.43 -14.85 -4.08
N PRO B 267 8.54 -13.86 -3.93
CA PRO B 267 8.72 -12.61 -4.68
C PRO B 267 9.88 -11.79 -4.16
N SER B 268 10.14 -10.65 -4.77
CA SER B 268 11.18 -9.76 -4.29
C SER B 268 10.71 -8.99 -3.08
N SER B 269 11.65 -8.31 -2.41
CA SER B 269 11.30 -7.57 -1.20
C SER B 269 10.29 -6.48 -1.49
N LYS B 270 10.41 -5.83 -2.65
CA LYS B 270 9.48 -4.77 -3.01
C LYS B 270 8.06 -5.29 -3.10
N VAL B 271 7.88 -6.48 -3.67
CA VAL B 271 6.54 -7.05 -3.81
C VAL B 271 5.93 -7.34 -2.45
N MET B 272 6.70 -7.94 -1.54
CA MET B 272 6.18 -8.21 -0.19
C MET B 272 5.88 -6.92 0.56
N LEU B 273 6.74 -5.92 0.41
CA LEU B 273 6.47 -4.63 1.06
C LEU B 273 5.20 -4.00 0.52
N SER B 274 5.00 -4.04 -0.80
CA SER B 274 3.79 -3.51 -1.40
C SER B 274 2.57 -4.30 -0.95
N ALA B 275 2.69 -5.62 -0.85
CA ALA B 275 1.59 -6.44 -0.36
C ALA B 275 1.21 -6.06 1.06
N LEU B 276 2.21 -5.87 1.93
CA LEU B 276 1.94 -5.48 3.30
C LEU B 276 1.29 -4.10 3.35
N ARG B 277 1.80 -3.16 2.56
CA ARG B 277 1.22 -1.81 2.54
C ARG B 277 -0.22 -1.85 2.09
N LYS B 278 -0.49 -2.57 1.00
CA LYS B 278 -1.85 -2.67 0.48
C LYS B 278 -2.78 -3.31 1.49
N TYR B 279 -2.34 -4.42 2.10
CA TYR B 279 -3.16 -5.11 3.08
C TYR B 279 -3.52 -4.20 4.24
N VAL B 280 -2.52 -3.55 4.84
CA VAL B 280 -2.77 -2.75 6.02
C VAL B 280 -3.59 -1.51 5.68
N ASN B 281 -3.32 -0.89 4.53
CA ASN B 281 -4.09 0.27 4.11
C ASN B 281 -5.54 -0.10 3.83
N HIS B 282 -5.78 -1.23 3.17
CA HIS B 282 -7.14 -1.63 2.83
C HIS B 282 -7.94 -2.02 4.06
N ASN B 283 -7.34 -2.81 4.95
CA ASN B 283 -8.05 -3.30 6.11
C ASN B 283 -7.94 -2.35 7.31
N ARG B 284 -7.23 -1.24 7.15
CA ARG B 284 -7.02 -0.26 8.22
C ARG B 284 -6.46 -0.94 9.48
N LEU B 285 -5.29 -1.56 9.29
CA LEU B 285 -4.62 -2.35 10.32
C LEU B 285 -3.43 -1.62 10.93
N TYR B 286 -3.59 -0.31 11.17
CA TYR B 286 -2.46 0.49 11.60
C TYR B 286 -1.95 0.07 12.98
N ASN B 287 -2.86 -0.04 13.96
CA ASN B 287 -2.44 -0.43 15.31
C ASN B 287 -1.90 -1.86 15.34
N GLN B 288 -2.56 -2.77 14.62
CA GLN B 288 -2.11 -4.16 14.61
C GLN B 288 -0.73 -4.28 13.99
N PHE B 289 -0.48 -3.57 12.88
CA PHE B 289 0.86 -3.56 12.32
C PHE B 289 1.86 -2.89 13.24
N TYR B 290 1.44 -1.86 13.98
CA TYR B 290 2.35 -1.21 14.90
C TYR B 290 2.82 -2.20 15.97
N THR B 291 1.89 -2.98 16.51
CA THR B 291 2.25 -4.02 17.47
C THR B 291 3.15 -5.08 16.83
N ALA B 292 2.84 -5.48 15.60
CA ALA B 292 3.67 -6.50 14.94
C ALA B 292 5.10 -6.01 14.75
N ALA B 293 5.26 -4.75 14.32
CA ALA B 293 6.60 -4.19 14.15
C ALA B 293 7.32 -4.10 15.48
N GLN B 294 6.61 -3.69 16.53
CA GLN B 294 7.23 -3.63 17.86
C GLN B 294 7.76 -5.00 18.26
N LEU B 295 6.94 -6.03 18.13
CA LEU B 295 7.35 -7.37 18.56
C LEU B 295 8.54 -7.86 17.75
N LEU B 296 8.47 -7.71 16.43
CA LEU B 296 9.55 -8.21 15.59
C LEU B 296 10.87 -7.50 15.91
N ALA B 297 10.81 -6.17 16.10
CA ALA B 297 12.02 -5.44 16.47
C ALA B 297 12.54 -5.88 17.82
N GLN B 298 11.66 -6.11 18.78
CA GLN B 298 12.10 -6.50 20.12
C GLN B 298 12.72 -7.89 20.13
N ILE B 299 12.35 -8.76 19.19
CA ILE B 299 12.99 -10.08 19.11
C ILE B 299 14.10 -10.14 18.06
N MET B 300 14.37 -9.03 17.37
CA MET B 300 15.28 -9.08 16.22
C MET B 300 16.64 -9.66 16.58
N MET B 301 17.36 -9.03 17.52
CA MET B 301 18.76 -9.39 17.71
C MET B 301 19.27 -8.98 19.08
N LYS B 302 20.47 -9.45 19.39
CA LYS B 302 21.22 -9.24 20.62
C LYS B 302 22.64 -8.80 20.28
N PRO B 303 23.29 -8.04 21.16
CA PRO B 303 24.67 -7.63 20.89
C PRO B 303 25.70 -8.64 21.34
N VAL B 304 26.69 -8.93 20.49
CA VAL B 304 27.75 -9.86 20.82
C VAL B 304 28.71 -9.20 21.80
N PRO B 305 28.90 -9.75 22.99
CA PRO B 305 29.78 -9.11 23.97
C PRO B 305 31.25 -9.21 23.60
N ASN B 306 32.02 -8.24 24.08
CA ASN B 306 33.47 -8.27 23.98
C ASN B 306 34.15 -8.61 25.29
N CYS B 307 33.39 -9.04 26.30
CA CYS B 307 33.90 -9.51 27.58
C CYS B 307 33.50 -10.97 27.75
N ALA B 308 34.09 -11.61 28.78
CA ALA B 308 33.89 -13.04 28.96
C ALA B 308 32.55 -13.35 29.62
N GLU B 309 32.27 -12.74 30.76
CA GLU B 309 31.02 -13.00 31.46
C GLU B 309 29.81 -12.43 30.74
N GLY B 310 30.02 -11.64 29.68
CA GLY B 310 28.91 -11.06 28.95
C GLY B 310 28.09 -12.05 28.15
N TYR B 311 28.68 -13.19 27.77
CA TYR B 311 27.96 -14.15 26.95
C TYR B 311 26.79 -14.78 27.70
N ALA B 312 26.77 -14.68 29.03
CA ALA B 312 25.66 -15.24 29.79
C ALA B 312 24.33 -14.61 29.38
N TRP B 313 24.34 -13.31 29.08
CA TRP B 313 23.13 -12.67 28.59
C TRP B 313 22.76 -13.23 27.22
N LEU B 314 23.78 -13.53 26.39
CA LEU B 314 23.54 -14.04 25.05
C LEU B 314 22.98 -15.47 25.08
N MET B 315 23.27 -16.24 26.13
CA MET B 315 22.74 -17.59 26.22
C MET B 315 21.22 -17.63 26.37
N HIS B 316 20.62 -16.58 26.94
CA HIS B 316 19.21 -16.64 27.28
C HIS B 316 18.34 -16.58 26.03
N ASP B 317 17.14 -17.15 26.14
CA ASP B 317 16.16 -17.17 25.08
C ASP B 317 14.88 -16.50 25.55
N ALA B 318 14.23 -15.79 24.63
CA ALA B 318 13.08 -14.97 24.96
C ALA B 318 11.78 -15.75 24.74
N LEU B 319 10.74 -15.32 25.45
CA LEU B 319 9.41 -15.89 25.33
C LEU B 319 8.45 -14.82 24.81
N VAL B 320 7.77 -15.13 23.71
CA VAL B 320 6.94 -14.17 23.00
C VAL B 320 5.49 -14.66 23.01
N ASN B 321 4.56 -13.72 23.18
CA ASN B 321 3.14 -14.01 23.16
C ASN B 321 2.53 -13.37 21.92
N ILE B 322 2.53 -14.11 20.82
CA ILE B 322 1.90 -13.69 19.57
C ILE B 322 0.47 -14.21 19.58
N PRO B 323 -0.54 -13.36 19.44
CA PRO B 323 -1.93 -13.83 19.54
C PRO B 323 -2.32 -14.74 18.39
N LYS B 324 -3.26 -15.63 18.66
CA LYS B 324 -3.80 -16.51 17.63
C LYS B 324 -4.56 -15.68 16.59
N PHE B 325 -4.43 -16.07 15.33
CA PHE B 325 -4.96 -15.24 14.25
C PHE B 325 -6.48 -15.34 14.20
N GLY B 326 -7.11 -14.22 13.81
CA GLY B 326 -8.53 -14.21 13.49
C GLY B 326 -8.91 -12.94 12.74
N SER B 327 -9.61 -13.06 11.62
CA SER B 327 -9.92 -11.90 10.78
C SER B 327 -11.40 -11.83 10.49
N ILE B 328 -12.11 -10.91 11.12
CA ILE B 328 -13.43 -10.55 10.63
C ILE B 328 -13.32 -9.15 10.05
N ARG B 329 -12.92 -9.07 8.78
CA ARG B 329 -13.01 -7.85 7.99
C ARG B 329 -13.49 -8.06 6.56
N GLY B 330 -13.29 -9.26 6.01
CA GLY B 330 -13.78 -9.64 4.71
C GLY B 330 -15.11 -10.35 4.72
N ARG B 331 -15.68 -10.56 5.91
CA ARG B 331 -17.01 -11.16 5.99
C ARG B 331 -18.03 -10.26 5.31
N TYR B 332 -18.01 -8.96 5.61
CA TYR B 332 -19.00 -8.01 5.12
C TYR B 332 -18.28 -6.93 4.34
N PRO B 333 -18.63 -6.70 3.07
CA PRO B 333 -17.93 -5.66 2.29
C PRO B 333 -18.05 -4.28 2.89
N PHE B 334 -19.14 -3.99 3.59
CA PHE B 334 -19.42 -2.64 4.07
C PHE B 334 -18.75 -2.31 5.39
N LEU B 335 -18.00 -3.25 5.98
CA LEU B 335 -17.28 -2.94 7.22
C LEU B 335 -16.25 -1.86 7.00
N LEU B 336 -15.48 -1.95 5.92
CA LEU B 336 -14.43 -1.00 5.62
C LEU B 336 -14.90 0.23 4.86
N SER B 337 -16.19 0.31 4.53
CA SER B 337 -16.75 1.46 3.83
C SER B 337 -17.01 2.57 4.85
N GLY B 338 -16.09 3.52 4.94
CA GLY B 338 -16.20 4.60 5.90
C GLY B 338 -14.89 4.85 6.61
N ASP B 339 -14.73 6.00 7.24
CA ASP B 339 -13.46 6.31 7.90
C ASP B 339 -13.23 5.41 9.10
N ALA B 340 -11.96 5.03 9.30
CA ALA B 340 -11.60 4.09 10.34
C ALA B 340 -11.84 4.69 11.72
N ALA B 341 -11.99 3.81 12.71
CA ALA B 341 -12.45 4.20 14.04
C ALA B 341 -11.28 4.24 15.00
N LEU B 342 -11.06 5.42 15.59
CA LEU B 342 -10.13 5.64 16.71
C LEU B 342 -8.77 4.98 16.45
N ILE B 343 -8.16 5.36 15.34
CA ILE B 343 -6.79 4.94 15.05
C ILE B 343 -5.82 5.83 15.81
N GLN B 344 -4.87 5.20 16.50
CA GLN B 344 -3.92 5.94 17.31
C GLN B 344 -2.98 6.76 16.45
N ALA B 345 -2.73 8.01 16.88
CA ALA B 345 -1.87 8.90 16.12
C ALA B 345 -0.44 8.35 16.05
N THR B 346 0.05 7.78 17.15
CA THR B 346 1.37 7.18 17.15
C THR B 346 1.45 6.04 16.15
N ALA B 347 0.40 5.22 16.08
CA ALA B 347 0.37 4.12 15.12
C ALA B 347 0.42 4.65 13.69
N LEU B 348 -0.35 5.71 13.40
CA LEU B 348 -0.35 6.27 12.06
C LEU B 348 1.02 6.80 11.67
N GLU B 349 1.63 7.60 12.55
CA GLU B 349 2.91 8.21 12.19
C GLU B 349 3.99 7.16 12.06
N ASP B 350 3.98 6.15 12.93
CA ASP B 350 5.00 5.10 12.86
C ASP B 350 4.79 4.26 11.60
N TRP B 351 3.53 4.00 11.24
CA TRP B 351 3.23 3.27 10.01
C TRP B 351 3.72 4.03 8.78
N SER B 352 3.46 5.34 8.74
CA SER B 352 3.95 6.14 7.62
C SER B 352 5.47 6.12 7.56
N ALA B 353 6.12 6.21 8.73
CA ALA B 353 7.59 6.20 8.75
C ALA B 353 8.14 4.88 8.26
N ILE B 354 7.56 3.76 8.68
CA ILE B 354 8.07 2.46 8.24
C ILE B 354 7.84 2.27 6.74
N MET B 355 6.65 2.63 6.26
CA MET B 355 6.39 2.46 4.83
C MET B 355 7.31 3.34 3.99
N ALA B 356 7.58 4.57 4.45
CA ALA B 356 8.55 5.41 3.77
C ALA B 356 9.96 4.82 3.85
N LYS B 357 10.41 4.49 5.07
CA LYS B 357 11.71 3.87 5.27
C LYS B 357 11.56 2.57 6.04
N PRO B 358 11.67 1.42 5.39
CA PRO B 358 11.50 0.15 6.11
C PRO B 358 12.64 -0.19 7.04
N GLU B 359 13.78 0.49 6.94
CA GLU B 359 14.92 0.25 7.80
C GLU B 359 14.71 0.80 9.19
N LEU B 360 13.63 1.55 9.42
CA LEU B 360 13.35 2.08 10.75
C LEU B 360 13.14 0.96 11.75
N VAL B 361 12.49 -0.13 11.33
CA VAL B 361 12.28 -1.25 12.24
C VAL B 361 13.61 -1.88 12.64
N PHE B 362 14.52 -2.04 11.68
CA PHE B 362 15.82 -2.63 12.00
C PHE B 362 16.65 -1.72 12.88
N THR B 363 16.64 -0.41 12.60
CA THR B 363 17.37 0.53 13.43
C THR B 363 16.79 0.59 14.84
N TYR B 364 15.47 0.56 14.95
CA TYR B 364 14.84 0.54 16.27
C TYR B 364 15.17 -0.75 17.01
N ALA B 365 15.27 -1.86 16.28
CA ALA B 365 15.70 -3.10 16.91
C ALA B 365 17.12 -2.98 17.45
N MET B 366 18.01 -2.37 16.67
CA MET B 366 19.39 -2.19 17.12
C MET B 366 19.44 -1.31 18.35
N GLN B 367 18.67 -0.23 18.37
CA GLN B 367 18.63 0.64 19.54
C GLN B 367 18.05 -0.09 20.75
N VAL B 368 16.97 -0.87 20.53
CA VAL B 368 16.26 -1.51 21.63
C VAL B 368 17.09 -2.62 22.25
N SER B 369 17.88 -3.35 21.45
CA SER B 369 18.70 -4.41 22.02
C SER B 369 19.72 -3.84 23.00
N VAL B 370 20.44 -2.81 22.58
CA VAL B 370 21.43 -2.17 23.44
C VAL B 370 20.75 -1.56 24.65
N ALA B 371 19.64 -0.84 24.44
CA ALA B 371 18.98 -0.18 25.55
C ALA B 371 18.49 -1.19 26.59
N LEU B 372 17.90 -2.29 26.13
CA LEU B 372 17.39 -3.30 27.05
C LEU B 372 18.51 -4.00 27.80
N ASN B 373 19.57 -4.42 27.10
CA ASN B 373 20.65 -5.13 27.79
C ASN B 373 21.31 -4.22 28.81
N THR B 374 21.47 -2.94 28.49
CA THR B 374 22.06 -2.01 29.46
C THR B 374 21.10 -1.73 30.60
N GLY B 375 19.80 -1.59 30.30
CA GLY B 375 18.85 -1.22 31.32
C GLY B 375 18.56 -2.32 32.32
N LEU B 376 18.75 -3.58 31.93
CA LEU B 376 18.64 -4.65 32.92
C LEU B 376 19.72 -4.52 33.99
N TYR B 377 20.96 -4.24 33.56
CA TYR B 377 22.04 -3.95 34.50
C TYR B 377 21.72 -2.70 35.32
N LEU B 378 21.21 -1.66 34.65
CA LEU B 378 20.88 -0.42 35.33
C LEU B 378 19.84 -0.65 36.42
N ARG B 379 18.85 -1.50 36.16
CA ARG B 379 17.83 -1.76 37.18
C ARG B 379 18.38 -2.64 38.30
N ARG B 380 19.21 -3.63 37.97
CA ARG B 380 19.82 -4.44 39.03
C ARG B 380 20.71 -3.60 39.94
N VAL B 381 21.22 -2.48 39.46
CA VAL B 381 22.01 -1.58 40.29
C VAL B 381 21.14 -0.53 40.99
N LYS B 382 20.22 0.09 40.25
CA LYS B 382 19.40 1.16 40.80
C LYS B 382 18.40 0.67 41.83
N LYS B 383 18.09 -0.63 41.87
CA LYS B 383 17.27 -1.14 42.96
C LYS B 383 17.95 -0.92 44.31
N THR B 384 19.23 -1.27 44.40
CA THR B 384 19.98 -1.06 45.63
C THR B 384 20.61 0.31 45.71
N GLY B 385 20.67 1.04 44.60
CA GLY B 385 21.27 2.36 44.58
C GLY B 385 22.72 2.33 44.99
N PHE B 386 23.48 1.39 44.44
CA PHE B 386 24.86 1.12 44.86
C PHE B 386 24.94 0.75 46.34
N GLY B 387 23.90 0.12 46.85
CA GLY B 387 23.91 -0.37 48.21
C GLY B 387 23.80 0.69 49.29
N THR B 388 23.35 1.91 48.94
CA THR B 388 23.05 2.91 49.96
C THR B 388 21.56 3.21 50.02
N THR B 389 20.73 2.33 49.45
CA THR B 389 19.29 2.38 49.63
C THR B 389 18.92 1.30 50.63
N ILE B 390 18.18 1.70 51.66
CA ILE B 390 17.92 0.84 52.80
C ILE B 390 16.66 0.00 52.60
N ASP B 391 15.59 0.60 52.11
CA ASP B 391 14.33 -0.08 51.90
C ASP B 391 14.20 -0.55 50.46
N ASP B 392 13.00 -0.95 50.06
CA ASP B 392 12.68 -1.35 48.70
C ASP B 392 11.75 -0.33 48.04
N SER B 393 11.99 0.96 48.26
CA SER B 393 11.15 2.01 47.69
C SER B 393 11.73 2.58 46.41
N TYR B 394 12.02 1.71 45.44
CA TYR B 394 12.39 2.17 44.11
C TYR B 394 11.27 1.93 43.09
N GLU B 395 10.27 1.14 43.45
CA GLU B 395 9.13 0.86 42.58
C GLU B 395 9.60 0.45 41.18
N ASP B 396 10.29 -0.69 41.13
CA ASP B 396 10.66 -1.33 39.88
C ASP B 396 9.64 -2.37 39.43
N GLY B 397 8.43 -2.33 40.01
CA GLY B 397 7.41 -3.32 39.74
C GLY B 397 6.97 -3.38 38.28
N ALA B 398 7.30 -2.37 37.47
CA ALA B 398 7.01 -2.44 36.05
C ALA B 398 7.73 -3.60 35.38
N PHE B 399 8.82 -4.08 35.97
CA PHE B 399 9.53 -5.24 35.43
C PHE B 399 8.79 -6.54 35.66
N LEU B 400 7.77 -6.54 36.52
CA LEU B 400 7.16 -7.79 36.96
C LEU B 400 6.26 -8.38 35.89
N GLN B 401 5.24 -7.65 35.47
CA GLN B 401 4.34 -8.15 34.45
C GLN B 401 5.10 -8.28 33.13
N PRO B 402 5.01 -9.42 32.45
CA PRO B 402 5.89 -9.66 31.29
C PRO B 402 5.69 -8.66 30.15
N GLU B 403 4.54 -7.98 30.13
CA GLU B 403 4.24 -7.07 29.02
C GLU B 403 5.10 -5.80 29.07
N THR B 404 5.28 -5.22 30.25
CA THR B 404 6.09 -4.01 30.39
C THR B 404 7.52 -4.32 30.82
N PHE B 405 8.02 -5.50 30.48
CA PHE B 405 9.40 -5.85 30.78
C PHE B 405 10.37 -5.03 29.95
N VAL B 406 10.29 -5.18 28.62
CA VAL B 406 11.19 -4.49 27.71
C VAL B 406 11.03 -2.99 27.85
N GLN B 407 9.79 -2.53 27.98
CA GLN B 407 9.53 -1.11 28.14
C GLN B 407 10.19 -0.57 29.41
N ALA B 408 10.08 -1.30 30.51
CA ALA B 408 10.71 -0.85 31.75
C ALA B 408 12.23 -0.83 31.63
N ALA B 409 12.80 -1.84 30.98
CA ALA B 409 14.25 -1.84 30.79
C ALA B 409 14.69 -0.63 29.97
N LEU B 410 13.96 -0.33 28.91
CA LEU B 410 14.29 0.83 28.07
C LEU B 410 14.19 2.12 28.86
N ALA B 411 13.12 2.27 29.65
CA ALA B 411 12.93 3.50 30.40
C ALA B 411 14.00 3.65 31.48
N CYS B 412 14.42 2.54 32.08
CA CYS B 412 15.44 2.62 33.12
C CYS B 412 16.80 2.95 32.51
N CYS B 413 17.11 2.39 31.34
CA CYS B 413 18.39 2.71 30.71
C CYS B 413 18.44 4.16 30.24
N THR B 414 17.42 4.59 29.50
CA THR B 414 17.38 5.91 28.90
C THR B 414 16.14 6.65 29.37
N GLY B 415 16.28 7.95 29.62
CA GLY B 415 15.20 8.73 30.19
C GLY B 415 13.97 8.84 29.32
N GLN B 416 14.07 8.50 28.04
CA GLN B 416 12.94 8.64 27.13
C GLN B 416 11.82 7.67 27.48
N ASP B 417 10.60 8.06 27.13
CA ASP B 417 9.41 7.25 27.35
C ASP B 417 9.44 6.05 26.42
N ALA B 418 9.59 4.85 26.98
CA ALA B 418 9.59 3.65 26.17
C ALA B 418 8.18 3.40 25.63
N PRO B 419 8.04 3.01 24.36
CA PRO B 419 6.70 2.86 23.78
C PRO B 419 6.09 1.53 24.17
N LEU B 420 4.86 1.57 24.68
CA LEU B 420 4.18 0.34 25.07
C LEU B 420 3.76 -0.44 23.83
N ASN B 421 3.46 -1.72 24.04
CA ASN B 421 3.20 -2.62 22.92
C ASN B 421 1.87 -2.32 22.23
N GLY B 422 1.01 -1.51 22.83
CA GLY B 422 -0.23 -1.13 22.18
C GLY B 422 -1.22 -2.25 22.00
N MET B 423 -1.07 -3.34 22.75
CA MET B 423 -1.88 -4.52 22.55
C MET B 423 -1.82 -5.29 23.86
N SER B 424 -2.89 -6.01 24.18
CA SER B 424 -2.93 -6.74 25.44
C SER B 424 -2.54 -8.21 25.25
N ASP B 425 -1.92 -8.77 26.28
CA ASP B 425 -1.46 -10.16 26.30
C ASP B 425 -0.43 -10.44 25.21
N VAL B 426 0.37 -9.43 24.85
CA VAL B 426 1.52 -9.60 23.97
C VAL B 426 2.73 -9.09 24.69
N TYR B 427 3.85 -9.79 24.57
CA TYR B 427 5.06 -9.35 25.22
C TYR B 427 6.25 -10.09 24.66
N VAL B 428 7.44 -9.56 24.94
CA VAL B 428 8.69 -10.26 24.76
C VAL B 428 9.34 -10.25 26.13
N THR B 429 9.50 -11.43 26.74
CA THR B 429 9.94 -11.50 28.13
C THR B 429 10.91 -12.64 28.32
N TYR B 430 11.80 -12.46 29.29
CA TYR B 430 12.75 -13.50 29.70
C TYR B 430 12.35 -13.96 31.09
N PRO B 431 11.67 -15.10 31.23
CA PRO B 431 11.11 -15.47 32.54
C PRO B 431 12.15 -15.65 33.64
N ASP B 432 13.30 -16.24 33.33
CA ASP B 432 14.28 -16.56 34.37
C ASP B 432 15.08 -15.35 34.82
N LEU B 433 15.00 -14.22 34.11
CA LEU B 433 15.71 -13.01 34.47
C LEU B 433 14.79 -11.94 35.06
N LEU B 434 13.65 -12.34 35.62
CA LEU B 434 12.84 -11.39 36.38
C LEU B 434 13.58 -10.88 37.60
N GLU B 435 14.25 -11.78 38.32
CA GLU B 435 15.00 -11.44 39.52
C GLU B 435 16.46 -11.16 39.16
N PHE B 436 17.04 -10.16 39.86
CA PHE B 436 18.39 -9.77 39.52
C PHE B 436 19.45 -10.71 40.08
N ASP B 437 19.10 -11.55 41.04
CA ASP B 437 20.02 -12.58 41.51
C ASP B 437 19.85 -13.90 40.77
N ALA B 438 19.87 -13.81 39.43
CA ALA B 438 19.70 -14.98 38.56
C ALA B 438 21.08 -15.46 38.08
N VAL B 439 21.46 -16.65 38.51
CA VAL B 439 22.76 -17.21 38.12
C VAL B 439 22.64 -17.92 36.78
N THR B 440 23.66 -17.76 35.93
CA THR B 440 23.70 -18.44 34.64
C THR B 440 25.07 -19.11 34.46
N GLN B 441 25.07 -20.22 33.73
CA GLN B 441 26.26 -21.00 33.45
C GLN B 441 26.62 -20.87 31.98
N VAL B 442 27.91 -20.78 31.70
CA VAL B 442 28.41 -20.57 30.34
C VAL B 442 29.40 -21.68 30.01
N PRO B 443 29.13 -22.51 29.00
CA PRO B 443 30.12 -23.53 28.60
C PRO B 443 31.41 -22.86 28.16
N ILE B 444 32.53 -23.39 28.62
CA ILE B 444 33.81 -22.69 28.59
C ILE B 444 34.90 -23.67 28.17
N THR B 445 35.78 -23.24 27.28
CA THR B 445 36.91 -24.08 26.89
C THR B 445 38.01 -24.01 27.94
N VAL B 446 38.95 -24.96 27.86
CA VAL B 446 39.92 -25.17 28.92
C VAL B 446 41.14 -24.29 28.65
N ILE B 447 41.26 -23.20 29.42
CA ILE B 447 42.44 -22.35 29.39
C ILE B 447 42.64 -21.82 30.81
N GLU B 448 43.91 -21.62 31.18
CA GLU B 448 44.24 -21.19 32.53
C GLU B 448 43.55 -19.87 32.86
N PRO B 449 43.13 -19.69 34.11
CA PRO B 449 42.34 -18.52 34.48
C PRO B 449 43.14 -17.32 35.00
N ALA B 450 42.41 -16.21 35.19
CA ALA B 450 43.00 -14.99 35.71
C ALA B 450 42.05 -14.29 36.67
N GLY B 451 41.17 -15.04 37.34
CA GLY B 451 40.15 -14.44 38.16
C GLY B 451 38.81 -14.27 37.46
N TYR B 452 38.46 -15.16 36.55
CA TYR B 452 37.12 -15.20 35.96
C TYR B 452 36.23 -16.21 36.68
N ASN B 453 36.48 -16.44 37.97
CA ASN B 453 35.69 -17.29 38.87
C ASN B 453 35.13 -18.53 38.19
N ILE B 454 35.94 -19.17 37.34
CA ILE B 454 35.51 -20.37 36.63
C ILE B 454 35.26 -21.49 37.63
N VAL B 455 34.07 -22.08 37.56
CA VAL B 455 33.70 -23.23 38.38
C VAL B 455 33.39 -24.38 37.44
N ASP B 456 34.00 -25.55 37.71
CA ASP B 456 33.84 -26.77 36.92
C ASP B 456 33.90 -26.50 35.42
N ASP B 457 34.90 -25.70 35.03
CA ASP B 457 35.11 -25.33 33.62
C ASP B 457 33.87 -24.66 33.04
N HIS B 458 33.28 -23.74 33.82
CA HIS B 458 32.03 -23.08 33.43
C HIS B 458 31.98 -21.73 34.12
N LEU B 459 31.89 -20.66 33.34
CA LEU B 459 31.70 -19.34 33.91
C LEU B 459 30.36 -19.26 34.65
N VAL B 460 30.42 -19.00 35.95
CA VAL B 460 29.23 -18.71 36.73
C VAL B 460 29.02 -17.21 36.72
N VAL B 461 27.87 -16.77 36.23
CA VAL B 461 27.55 -15.35 36.06
C VAL B 461 26.29 -15.04 36.86
N VAL B 462 26.33 -14.00 37.67
CA VAL B 462 25.21 -13.58 38.49
C VAL B 462 24.52 -12.40 37.82
N GLY B 463 23.19 -12.45 37.77
CA GLY B 463 22.45 -11.36 37.17
C GLY B 463 22.60 -11.32 35.66
N VAL B 464 22.68 -10.11 35.11
CA VAL B 464 22.82 -9.90 33.68
C VAL B 464 23.99 -8.96 33.43
N PRO B 465 24.90 -9.30 32.52
CA PRO B 465 26.08 -8.47 32.29
C PRO B 465 25.87 -7.45 31.17
N VAL B 466 26.66 -6.37 31.25
CA VAL B 466 26.68 -5.41 30.16
C VAL B 466 27.43 -6.02 28.99
N ALA B 467 26.80 -6.02 27.82
CA ALA B 467 27.35 -6.69 26.65
C ALA B 467 27.55 -5.76 25.47
N CYS B 468 27.31 -4.46 25.62
CA CYS B 468 27.41 -3.56 24.49
C CYS B 468 27.83 -2.17 24.95
N SER B 469 28.47 -1.43 24.04
CA SER B 469 28.79 -0.04 24.22
C SER B 469 27.60 0.84 23.86
N PRO B 470 27.45 1.98 24.52
CA PRO B 470 26.26 2.82 24.31
C PRO B 470 26.39 3.76 23.12
N TYR B 471 27.36 3.52 22.25
CA TYR B 471 27.73 4.49 21.23
C TYR B 471 26.66 4.73 20.18
N MET B 472 25.62 3.92 20.14
CA MET B 472 24.49 4.23 19.26
C MET B 472 23.39 5.01 19.94
N ILE B 473 23.45 5.21 21.26
CA ILE B 473 22.46 6.03 21.94
C ILE B 473 23.11 7.07 22.85
N PHE B 474 24.33 7.53 22.51
CA PHE B 474 25.23 8.25 23.43
C PHE B 474 24.67 9.14 24.53
N PRO B 475 23.68 9.98 24.30
CA PRO B 475 23.19 10.83 25.41
C PRO B 475 22.41 10.06 26.46
N VAL B 476 22.64 8.74 26.55
CA VAL B 476 21.81 7.78 27.29
C VAL B 476 21.35 8.33 28.63
N ALA B 477 22.22 9.04 29.35
CA ALA B 477 21.94 9.51 30.70
C ALA B 477 21.47 8.36 31.59
N ALA B 478 22.22 7.26 31.56
CA ALA B 478 21.88 6.11 32.39
C ALA B 478 22.01 6.45 33.87
N PHE B 479 23.13 7.03 34.27
CA PHE B 479 23.36 7.45 35.64
C PHE B 479 22.97 8.90 35.82
N ASP B 480 22.73 9.28 37.07
CA ASP B 480 22.42 10.68 37.38
C ASP B 480 23.66 11.55 37.20
N THR B 481 24.79 11.13 37.74
CA THR B 481 26.01 11.92 37.70
C THR B 481 26.65 11.85 36.32
N ALA B 482 27.62 12.74 36.09
CA ALA B 482 28.39 12.71 34.85
C ALA B 482 29.28 11.48 34.81
N ASN B 483 29.39 10.87 33.63
CA ASN B 483 30.11 9.62 33.47
C ASN B 483 30.34 9.36 31.98
N PRO B 484 31.05 8.30 31.60
CA PRO B 484 31.18 8.01 30.16
C PRO B 484 29.86 7.87 29.44
N TYR B 485 28.82 7.36 30.10
CA TYR B 485 27.50 7.31 29.49
C TYR B 485 26.98 8.70 29.17
N CYS B 486 27.15 9.66 30.09
CA CYS B 486 26.81 11.04 29.80
C CYS B 486 27.67 11.59 28.67
N GLY B 487 28.95 11.22 28.65
CA GLY B 487 29.84 11.62 27.58
C GLY B 487 30.92 12.57 28.05
N ASN B 488 30.53 13.53 28.88
CA ASN B 488 31.44 14.57 29.37
C ASN B 488 31.46 14.55 30.89
N PHE B 489 32.65 14.43 31.46
CA PHE B 489 32.79 14.40 32.91
C PHE B 489 34.17 14.93 33.29
N VAL B 490 34.31 15.31 34.55
CA VAL B 490 35.58 15.76 35.09
C VAL B 490 36.09 14.71 36.07
N ILE B 491 37.40 14.63 36.21
CA ILE B 491 38.04 13.70 37.14
C ILE B 491 38.58 14.51 38.32
N LYS B 492 38.07 14.21 39.50
CA LYS B 492 38.41 14.96 40.70
C LYS B 492 39.52 14.26 41.48
N ALA B 493 40.04 14.98 42.47
CA ALA B 493 41.04 14.41 43.35
C ALA B 493 40.41 13.33 44.24
N ALA B 494 41.26 12.44 44.73
CA ALA B 494 40.81 11.35 45.58
C ALA B 494 40.27 11.90 46.89
N ASN B 495 39.44 11.10 47.55
CA ASN B 495 38.86 11.53 48.83
C ASN B 495 39.96 11.78 49.86
N LYS B 496 40.92 10.87 49.96
CA LYS B 496 42.05 11.05 50.86
C LYS B 496 43.12 10.01 50.50
N TYR B 497 44.37 10.39 50.74
CA TYR B 497 45.53 9.66 50.25
C TYR B 497 46.20 8.93 51.40
N LEU B 498 46.53 7.66 51.20
CA LEU B 498 47.22 6.88 52.23
C LEU B 498 48.20 5.94 51.53
N ARG B 499 48.80 5.03 52.31
CA ARG B 499 49.85 4.17 51.78
C ARG B 499 49.34 3.28 50.66
N LYS B 500 48.19 2.65 50.85
CA LYS B 500 47.62 1.84 49.79
C LYS B 500 47.29 2.68 48.57
N GLY B 501 46.75 3.88 48.77
CA GLY B 501 46.74 4.89 47.73
C GLY B 501 45.40 5.31 47.18
N ALA B 502 45.05 6.59 47.40
CA ALA B 502 44.01 7.28 46.67
C ALA B 502 42.65 6.59 46.82
N VAL B 503 42.11 6.68 48.03
CA VAL B 503 40.74 6.26 48.29
C VAL B 503 39.82 6.92 47.28
N TYR B 504 39.09 6.12 46.51
CA TYR B 504 38.17 6.61 45.50
C TYR B 504 36.81 5.99 45.69
N ASP B 505 35.77 6.79 45.50
CA ASP B 505 34.42 6.23 45.46
C ASP B 505 34.29 5.35 44.23
N LYS B 506 33.43 4.33 44.34
CA LYS B 506 33.41 3.28 43.31
C LYS B 506 33.11 3.86 41.93
N LEU B 507 32.08 4.71 41.84
CA LEU B 507 31.70 5.27 40.54
C LEU B 507 32.80 6.15 39.98
N GLU B 508 33.39 7.01 40.82
CA GLU B 508 34.47 7.87 40.36
C GLU B 508 35.72 7.07 40.04
N ALA B 509 35.97 5.98 40.76
CA ALA B 509 37.07 5.10 40.41
C ALA B 509 36.87 4.47 39.05
N TRP B 510 35.64 4.04 38.75
CA TRP B 510 35.37 3.50 37.42
C TRP B 510 35.53 4.57 36.35
N LYS B 511 35.09 5.79 36.64
CA LYS B 511 35.25 6.88 35.67
C LYS B 511 36.73 7.12 35.37
N LEU B 512 37.55 7.16 36.43
CA LEU B 512 38.99 7.32 36.26
C LEU B 512 39.59 6.16 35.48
N ALA B 513 39.18 4.94 35.79
CA ALA B 513 39.71 3.77 35.09
C ALA B 513 39.36 3.80 33.62
N TRP B 514 38.12 4.16 33.30
CA TRP B 514 37.69 4.25 31.91
C TRP B 514 38.49 5.31 31.16
N ALA B 515 38.63 6.49 31.76
CA ALA B 515 39.37 7.57 31.10
C ALA B 515 40.82 7.18 30.87
N LEU B 516 41.45 6.55 31.86
CA LEU B 516 42.84 6.15 31.70
C LEU B 516 42.98 5.06 30.64
N ARG B 517 42.05 4.11 30.62
CA ARG B 517 42.11 3.03 29.63
C ARG B 517 41.94 3.59 28.23
N VAL B 518 41.09 4.61 28.06
CA VAL B 518 41.02 5.29 26.79
C VAL B 518 42.34 5.97 26.47
N ALA B 519 42.94 6.64 27.47
CA ALA B 519 44.16 7.38 27.27
C ALA B 519 45.40 6.50 27.14
N GLY B 520 45.30 5.22 27.44
CA GLY B 520 46.42 4.31 27.28
C GLY B 520 47.09 3.85 28.56
N TYR B 521 46.56 4.19 29.73
CA TYR B 521 47.08 3.71 31.01
C TYR B 521 46.08 2.74 31.62
N ASP B 522 46.52 1.51 31.87
CA ASP B 522 45.72 0.61 32.68
C ASP B 522 45.95 0.87 34.15
N THR B 523 44.94 0.58 34.96
CA THR B 523 44.97 0.91 36.37
C THR B 523 44.82 -0.35 37.21
N HIS B 524 45.48 -0.35 38.38
CA HIS B 524 45.43 -1.45 39.31
C HIS B 524 44.61 -1.05 40.54
N PHE B 525 43.68 -1.90 40.92
CA PHE B 525 42.80 -1.67 42.05
C PHE B 525 43.06 -2.70 43.14
N LYS B 526 42.46 -2.46 44.30
CA LYS B 526 42.52 -3.41 45.41
C LYS B 526 41.25 -3.26 46.23
N VAL B 527 40.59 -4.39 46.49
CA VAL B 527 39.31 -4.43 47.19
C VAL B 527 38.27 -3.59 46.47
N THR B 535 43.07 -7.76 39.45
CA THR B 535 43.05 -6.53 40.29
C THR B 535 42.97 -5.29 39.39
N LYS B 536 43.21 -5.46 38.08
CA LYS B 536 43.24 -4.30 37.16
C LYS B 536 41.82 -3.94 36.69
N PHE B 537 41.69 -3.50 35.44
CA PHE B 537 40.36 -3.15 34.87
C PHE B 537 40.18 -3.87 33.53
N TYR B 538 40.03 -5.20 33.55
CA TYR B 538 39.92 -5.97 32.29
C TYR B 538 38.92 -5.28 31.37
N ALA B 539 39.38 -4.88 30.18
CA ALA B 539 38.48 -4.19 29.22
C ALA B 539 38.64 -4.84 27.84
N ASP B 540 38.24 -4.13 26.78
CA ASP B 540 38.41 -4.66 25.41
C ASP B 540 39.23 -3.65 24.59
N ASN B 541 40.06 -4.14 23.67
CA ASN B 541 40.84 -3.24 22.79
C ASN B 541 39.88 -2.65 21.76
N GLY B 542 39.53 -3.44 20.74
CA GLY B 542 38.59 -2.97 19.69
C GLY B 542 37.57 -2.01 20.26
N ASP B 543 36.87 -2.41 21.32
CA ASP B 543 35.93 -1.47 21.99
C ASP B 543 36.59 -0.98 23.28
N THR B 544 37.36 0.11 23.20
CA THR B 544 38.06 0.66 24.36
C THR B 544 37.13 0.97 25.53
N TRP B 545 35.85 0.66 25.44
CA TRP B 545 34.97 0.77 26.59
C TRP B 545 35.37 -0.24 27.65
N THR B 546 35.37 0.21 28.91
CA THR B 546 35.64 -0.65 30.05
C THR B 546 34.34 -0.85 30.81
N HIS B 547 33.82 -2.06 30.78
CA HIS B 547 32.56 -2.35 31.46
C HIS B 547 32.73 -2.28 32.97
N ILE B 548 31.66 -1.86 33.63
CA ILE B 548 31.73 -1.56 35.06
C ILE B 548 32.04 -2.84 35.84
N PRO B 549 33.07 -2.84 36.68
CA PRO B 549 33.45 -4.06 37.38
C PRO B 549 32.49 -4.37 38.52
N GLU B 550 32.65 -5.55 39.10
CA GLU B 550 31.72 -6.04 40.11
C GLU B 550 31.86 -5.31 41.44
N PHE B 551 32.97 -4.62 41.67
CA PHE B 551 33.11 -3.88 42.92
C PHE B 551 32.17 -2.68 42.96
N VAL B 552 31.72 -2.20 41.80
CA VAL B 552 30.72 -1.14 41.81
C VAL B 552 29.36 -1.70 42.21
N THR B 553 29.00 -2.86 41.67
CA THR B 553 27.65 -3.40 41.86
C THR B 553 27.46 -4.08 43.21
N ASP B 554 28.52 -4.70 43.75
CA ASP B 554 28.33 -5.60 44.88
C ASP B 554 27.71 -4.91 46.08
N GLY B 555 28.01 -3.63 46.28
CA GLY B 555 27.40 -2.87 47.35
C GLY B 555 27.91 -3.20 48.73
N ASP B 556 28.78 -4.18 48.87
CA ASP B 556 29.47 -4.40 50.14
C ASP B 556 30.51 -3.31 50.36
N VAL B 557 31.12 -2.82 49.29
CA VAL B 557 32.16 -1.82 49.34
C VAL B 557 31.57 -0.46 49.00
N MET B 558 32.19 0.59 49.54
CA MET B 558 31.85 1.96 49.19
C MET B 558 33.06 2.80 48.81
N GLU B 559 34.26 2.37 49.17
CA GLU B 559 35.51 3.01 48.75
C GLU B 559 36.43 1.93 48.22
N VAL B 560 37.27 2.30 47.26
CA VAL B 560 38.18 1.34 46.62
C VAL B 560 39.56 1.96 46.54
N PHE B 561 40.57 1.10 46.54
CA PHE B 561 41.97 1.50 46.49
C PHE B 561 42.48 1.36 45.07
N VAL B 562 43.07 2.43 44.53
CA VAL B 562 43.80 2.37 43.28
C VAL B 562 45.28 2.40 43.61
N THR B 563 45.95 1.26 43.41
CA THR B 563 47.34 1.12 43.83
C THR B 563 48.29 1.81 42.86
N ALA B 564 48.30 1.37 41.60
CA ALA B 564 49.20 1.90 40.60
C ALA B 564 48.48 2.03 39.27
N ILE B 565 48.88 3.05 38.50
CA ILE B 565 48.38 3.25 37.15
C ILE B 565 49.56 3.17 36.19
N GLU B 566 49.60 2.08 35.42
CA GLU B 566 50.76 1.76 34.60
C GLU B 566 50.53 2.19 33.15
N ARG B 567 51.58 2.09 32.35
CA ARG B 567 51.54 2.46 30.94
C ARG B 567 51.44 1.20 30.09
N ARG B 568 50.41 1.14 29.26
CA ARG B 568 50.23 0.02 28.35
C ARG B 568 51.22 0.11 27.19
N ALA B 569 51.34 -1.00 26.46
CA ALA B 569 52.22 -1.02 25.29
C ALA B 569 51.75 -0.03 24.24
N ARG B 570 50.44 0.02 23.99
CA ARG B 570 49.88 0.98 23.03
C ARG B 570 49.64 2.29 23.76
N HIS B 571 50.70 3.06 23.92
CA HIS B 571 50.60 4.35 24.59
C HIS B 571 49.86 5.35 23.72
N PHE B 572 49.28 6.33 24.38
CA PHE B 572 48.50 7.39 23.75
C PHE B 572 48.72 8.65 24.57
N VAL B 573 47.75 9.58 24.52
CA VAL B 573 47.85 10.88 25.17
C VAL B 573 48.47 10.76 26.55
N GLU B 574 49.49 11.59 26.82
CA GLU B 574 50.28 11.48 28.03
C GLU B 574 49.62 12.25 29.17
N LEU B 575 49.60 11.65 30.35
CA LEU B 575 49.03 12.24 31.55
C LEU B 575 50.05 12.17 32.67
N PRO B 576 49.94 13.06 33.67
CA PRO B 576 50.87 13.00 34.81
C PRO B 576 50.55 11.83 35.73
N ARG B 577 51.21 11.76 36.88
CA ARG B 577 50.89 10.76 37.88
C ARG B 577 49.59 11.19 38.57
N LEU B 578 48.48 10.58 38.16
CA LEU B 578 47.18 11.03 38.66
C LEU B 578 46.94 10.59 40.10
N ASN B 579 47.47 9.42 40.50
CA ASN B 579 47.17 8.84 41.78
C ASN B 579 48.06 9.36 42.90
N SER B 580 48.74 10.49 42.70
CA SER B 580 49.56 11.05 43.74
C SER B 580 49.30 12.54 43.89
N PRO B 581 49.41 13.07 45.11
CA PRO B 581 49.32 14.52 45.29
C PRO B 581 50.55 15.21 44.74
N ALA B 582 50.42 16.54 44.54
CA ALA B 582 51.43 17.42 43.98
C ALA B 582 51.71 17.14 42.52
N PHE B 583 51.07 16.12 41.95
CA PHE B 583 51.22 15.69 40.57
C PHE B 583 49.90 15.53 39.87
N PHE B 584 48.83 15.24 40.60
CA PHE B 584 47.52 15.12 40.02
C PHE B 584 47.04 16.46 39.52
N ARG B 585 46.44 16.46 38.33
CA ARG B 585 45.75 17.63 37.79
C ARG B 585 44.37 17.18 37.35
N SER B 586 43.36 18.01 37.64
CA SER B 586 41.97 17.63 37.42
C SER B 586 41.67 17.65 35.92
N VAL B 587 42.02 16.55 35.25
CA VAL B 587 41.68 16.41 33.85
C VAL B 587 40.17 16.25 33.70
N GLU B 588 39.66 16.65 32.55
CA GLU B 588 38.26 16.45 32.22
C GLU B 588 38.15 15.86 30.83
N VAL B 589 37.16 14.99 30.65
CA VAL B 589 37.07 14.14 29.47
C VAL B 589 35.75 14.44 28.76
N SER B 590 35.82 14.65 27.45
CA SER B 590 34.64 14.84 26.62
C SER B 590 34.87 14.12 25.29
N THR B 591 33.86 13.38 24.83
CA THR B 591 33.96 12.64 23.58
C THR B 591 32.83 13.06 22.65
N THR B 592 33.14 13.12 21.35
CA THR B 592 32.17 13.38 20.31
C THR B 592 32.35 12.37 19.19
N ILE B 593 31.25 12.04 18.52
CA ILE B 593 31.25 11.01 17.49
C ILE B 593 31.60 11.64 16.15
N TYR B 594 32.59 11.06 15.47
CA TYR B 594 33.02 11.59 14.18
C TYR B 594 32.30 10.91 13.03
N ASP B 595 32.29 9.58 12.99
CA ASP B 595 31.63 8.88 11.90
C ASP B 595 31.14 7.52 12.38
N THR B 596 29.87 7.23 12.12
CA THR B 596 29.28 5.92 12.40
C THR B 596 28.76 5.31 11.12
N HIS B 597 28.99 4.01 10.96
CA HIS B 597 28.56 3.29 9.76
C HIS B 597 28.47 1.81 10.06
N VAL B 598 27.28 1.23 9.87
CA VAL B 598 27.04 -0.18 10.15
C VAL B 598 27.40 -1.02 8.95
N GLN B 599 28.63 -1.53 8.92
CA GLN B 599 29.12 -2.35 7.83
C GLN B 599 29.02 -3.84 8.19
N ALA B 600 29.10 -4.68 7.15
CA ALA B 600 29.06 -6.12 7.30
C ALA B 600 29.46 -6.75 5.98
N GLY B 601 29.91 -8.00 6.05
CA GLY B 601 30.28 -8.74 4.85
C GLY B 601 31.51 -8.18 4.14
N ALA B 608 23.85 4.12 5.20
CA ALA B 608 22.91 4.83 6.05
C ALA B 608 21.86 5.55 5.21
N SER B 609 20.78 5.98 5.86
CA SER B 609 19.70 6.69 5.18
C SER B 609 19.11 7.70 6.16
N ARG B 610 19.38 8.98 5.94
CA ARG B 610 18.87 10.03 6.81
C ARG B 610 17.35 10.06 6.77
N ILE B 611 16.74 10.34 7.92
CA ILE B 611 15.30 10.58 8.00
C ILE B 611 15.06 11.84 8.82
N ASN B 612 14.22 12.72 8.30
CA ASN B 612 13.74 13.87 9.04
C ASN B 612 12.24 13.77 9.20
N LEU B 613 11.68 14.68 10.00
CA LEU B 613 10.26 14.65 10.32
C LEU B 613 9.42 15.30 9.25
N ASP B 614 9.94 15.41 8.03
CA ASP B 614 9.16 15.92 6.90
C ASP B 614 8.28 14.83 6.31
N TYR B 615 8.77 13.60 6.24
CA TYR B 615 8.02 12.49 5.68
C TYR B 615 7.11 11.81 6.70
N VAL B 616 7.08 12.31 7.94
CA VAL B 616 6.26 11.69 8.98
C VAL B 616 4.77 11.91 8.74
N LYS B 617 4.40 12.88 7.89
CA LYS B 617 3.01 13.30 7.76
C LYS B 617 2.10 12.15 7.39
N PRO B 618 1.24 11.72 8.32
CA PRO B 618 0.40 10.53 8.07
C PRO B 618 -0.81 10.87 7.22
N VAL B 619 -1.42 9.82 6.70
CA VAL B 619 -2.65 9.95 5.92
C VAL B 619 -3.81 10.18 6.90
N SER B 620 -4.39 11.37 6.86
CA SER B 620 -5.53 11.73 7.70
C SER B 620 -6.83 11.84 6.90
N THR B 621 -6.80 11.50 5.61
CA THR B 621 -8.01 11.54 4.80
C THR B 621 -8.86 10.32 5.12
N GLY B 622 -10.03 10.54 5.71
CA GLY B 622 -10.92 9.44 6.05
C GLY B 622 -10.35 8.51 7.10
N ILE B 623 -9.70 9.06 8.13
CA ILE B 623 -9.18 8.28 9.26
C ILE B 623 -9.44 9.09 10.51
N GLN B 624 -10.26 8.56 11.41
CA GLN B 624 -10.51 9.22 12.68
C GLN B 624 -9.35 8.93 13.63
N VAL B 625 -8.77 9.98 14.19
CA VAL B 625 -7.50 9.88 14.92
C VAL B 625 -7.73 10.33 16.35
N ILE B 626 -7.32 9.49 17.30
CA ILE B 626 -7.37 9.81 18.72
C ILE B 626 -5.95 9.77 19.27
N ASN B 627 -5.51 10.89 19.86
CA ASN B 627 -4.21 10.92 20.51
C ASN B 627 -4.26 10.27 21.88
N ALA B 628 -5.39 10.36 22.57
CA ALA B 628 -5.51 9.77 23.90
C ALA B 628 -5.62 8.25 23.81
N GLY B 629 -5.14 7.59 24.86
CA GLY B 629 -5.22 6.15 24.93
C GLY B 629 -5.54 5.70 26.33
N GLU B 630 -5.93 4.43 26.44
CA GLU B 630 -6.30 3.83 27.71
C GLU B 630 -5.27 2.78 28.09
N LEU B 631 -4.79 2.83 29.34
CA LEU B 631 -3.73 1.94 29.78
C LEU B 631 -4.16 0.49 29.87
N LYS B 632 -5.47 0.22 29.81
CA LYS B 632 -5.94 -1.17 29.80
C LYS B 632 -5.45 -1.90 28.56
N ASN B 633 -5.49 -1.23 27.40
CA ASN B 633 -5.02 -1.80 26.14
C ASN B 633 -3.54 -1.54 25.91
N TYR B 634 -2.85 -0.94 26.89
CA TYR B 634 -1.41 -0.67 26.82
C TYR B 634 -1.09 0.35 25.75
N TRP B 635 -1.85 1.45 25.76
CA TRP B 635 -1.58 2.60 24.90
C TRP B 635 -1.03 3.70 25.79
N GLY B 636 0.28 3.64 26.02
CA GLY B 636 0.96 4.59 26.87
C GLY B 636 2.45 4.46 26.70
N SER B 637 3.18 4.92 27.70
CA SER B 637 4.64 4.90 27.66
C SER B 637 5.16 4.93 29.08
N VAL B 638 6.00 3.96 29.43
CA VAL B 638 6.53 3.89 30.79
C VAL B 638 7.58 4.97 30.98
N ARG B 639 7.43 5.78 32.03
CA ARG B 639 8.33 6.88 32.30
C ARG B 639 9.17 6.58 33.53
N ARG B 640 10.47 6.71 33.41
CA ARG B 640 11.36 6.59 34.55
C ARG B 640 11.48 7.94 35.24
N THR B 641 11.21 7.97 36.53
CA THR B 641 11.47 9.15 37.35
C THR B 641 12.44 8.75 38.46
N GLN B 642 12.79 9.73 39.30
CA GLN B 642 13.70 9.45 40.41
C GLN B 642 13.09 8.45 41.38
N GLN B 643 11.78 8.59 41.65
CA GLN B 643 11.10 7.65 42.53
C GLN B 643 11.15 6.24 41.96
N GLY B 644 11.09 6.12 40.64
CA GLY B 644 11.21 4.83 40.01
C GLY B 644 10.56 4.85 38.64
N LEU B 645 10.35 3.65 38.11
CA LEU B 645 9.62 3.53 36.86
C LEU B 645 8.13 3.75 37.08
N GLY B 646 7.42 3.98 35.99
CA GLY B 646 5.99 4.19 36.07
C GLY B 646 5.34 4.20 34.69
N VAL B 647 4.26 3.43 34.54
CA VAL B 647 3.57 3.34 33.25
C VAL B 647 2.65 4.54 33.12
N VAL B 648 2.89 5.36 32.10
CA VAL B 648 2.13 6.58 31.85
C VAL B 648 1.42 6.45 30.52
N GLY B 649 0.16 6.89 30.46
CA GLY B 649 -0.59 6.86 29.23
C GLY B 649 -0.03 7.79 28.18
N LEU B 650 -0.62 7.72 26.99
CA LEU B 650 -0.16 8.49 25.85
C LEU B 650 -0.44 9.98 26.00
N THR B 651 -1.25 10.38 26.98
CA THR B 651 -1.63 11.78 27.19
C THR B 651 -2.23 12.40 25.94
#